data_7B6I
#
_entry.id   7B6I
#
_cell.length_a   58.190
_cell.length_b   58.426
_cell.length_c   74.229
_cell.angle_alpha   97.082
_cell.angle_beta   91.436
_cell.angle_gamma   104.723
#
_symmetry.space_group_name_H-M   'P 1'
#
loop_
_entity.id
_entity.type
_entity.pdbx_description
1 polymer 'UDP-N-acetylmuramoyl-L-alanyl-D-glutamate-2,6-diaminopimelate ligase'
2 non-polymer 'CITRIC ACID'
3 non-polymer 4-(3-fluoranylpyridin-2-yl)-1-methyl-piperazin-2-one
4 non-polymer 'ISOPROPYL ALCOHOL'
5 water water
#
_entity_poly.entity_id   1
_entity_poly.type   'polypeptide(L)'
_entity_poly.pdbx_seq_one_letter_code
;SMADRNLRDLLAPWVPDAPSRALREMTLDSRVAAAGDLFVAVVGHQADGRRYIPQAIAQGVAAIIAEAKDEATDGEIREM
HGVPVIYLSQLNERLSALAGRFYHEPSDNLRLVGVTGTNGKTTTTQLLAQWSQLLGEISAVMGTVGNGLLGKVIPTENTT
GSAVDVQHELAGLVDQGATFCAMEVSSHGLVQHRVAALKFAASVFTNLSRDHLDYHGDMEHYEAAKWLLYSEHHCGQAII
NADDEVGRRWLAKLPDAVAVSMEDHINPNCHGRWLKATEVNYHDSGATIRFSSSWGDGEIESHLMGAFNVSNLLLALATL
LALGYPLADLLKTAARLQPVCGRMEVFTAPGKPTVVVDYAHTPDALEKALQAARLHCAGKLWCVFGCGGDRDKGKRPLMG
AIAEEFADVAVVTDDNPRTEEPRAIINDILAGMLDAGHAKVMEGRAEAVTCAVMQAKENDVVLVAGKGHEDYQIVGNQRL
DYSDRVTVARLLGVIA
;
_entity_poly.pdbx_strand_id   A,B
#
# COMPACT_ATOMS: atom_id res chain seq x y z
N ARG A 5 9.32 3.10 -22.31
CA ARG A 5 10.60 2.69 -21.65
C ARG A 5 11.76 3.39 -22.35
N ASN A 6 12.62 4.05 -21.56
CA ASN A 6 13.67 4.97 -22.07
C ASN A 6 14.95 4.81 -21.25
N LEU A 7 16.06 4.54 -21.94
CA LEU A 7 17.39 4.31 -21.32
C LEU A 7 17.70 5.45 -20.34
N ARG A 8 17.38 6.68 -20.72
CA ARG A 8 17.67 7.88 -19.90
C ARG A 8 16.83 7.84 -18.60
N ASP A 9 15.51 7.65 -18.72
N ASP A 9 15.51 7.64 -18.68
CA ASP A 9 14.62 7.55 -17.53
CA ASP A 9 14.68 7.58 -17.44
C ASP A 9 15.09 6.36 -16.68
C ASP A 9 15.09 6.34 -16.65
N LEU A 10 15.27 5.20 -17.32
CA LEU A 10 15.68 3.92 -16.68
C LEU A 10 16.88 4.16 -15.77
N LEU A 11 17.88 4.91 -16.26
CA LEU A 11 19.19 5.03 -15.55
C LEU A 11 19.26 6.29 -14.69
N ALA A 12 18.22 7.14 -14.69
CA ALA A 12 18.16 8.45 -14.01
C ALA A 12 18.68 8.33 -12.56
N PRO A 13 18.18 7.37 -11.73
CA PRO A 13 18.66 7.27 -10.35
C PRO A 13 20.18 7.03 -10.23
N TRP A 14 20.81 6.43 -11.25
CA TRP A 14 22.20 5.90 -11.13
C TRP A 14 23.18 6.67 -12.03
N VAL A 15 22.77 7.00 -13.25
CA VAL A 15 23.64 7.61 -14.30
C VAL A 15 22.94 8.88 -14.79
N PRO A 16 23.32 10.06 -14.26
CA PRO A 16 22.70 11.33 -14.63
C PRO A 16 22.59 11.60 -16.15
N ASP A 17 23.63 11.29 -16.92
CA ASP A 17 23.80 11.85 -18.29
C ASP A 17 23.63 10.76 -19.34
N ALA A 18 22.68 9.86 -19.14
CA ALA A 18 22.48 8.66 -19.98
C ALA A 18 21.77 9.10 -21.25
N PRO A 19 22.18 8.62 -22.44
CA PRO A 19 21.48 8.96 -23.67
C PRO A 19 19.99 8.60 -23.58
N SER A 20 19.12 9.47 -24.10
CA SER A 20 17.70 9.21 -24.45
C SER A 20 17.63 8.18 -25.59
N ARG A 21 16.76 7.17 -25.48
CA ARG A 21 16.74 6.00 -26.38
C ARG A 21 15.59 5.08 -25.97
N ALA A 22 14.63 4.86 -26.86
CA ALA A 22 13.42 4.04 -26.64
C ALA A 22 13.85 2.57 -26.56
N LEU A 23 13.27 1.80 -25.64
CA LEU A 23 13.70 0.40 -25.37
C LEU A 23 12.46 -0.46 -25.54
N ARG A 24 12.63 -1.69 -26.04
CA ARG A 24 11.53 -2.66 -26.23
C ARG A 24 11.52 -3.56 -25.01
N GLU A 25 12.14 -4.75 -25.06
CA GLU A 25 12.22 -5.67 -23.91
C GLU A 25 13.59 -5.56 -23.26
N MET A 26 13.72 -6.17 -22.08
CA MET A 26 14.99 -6.31 -21.34
C MET A 26 15.31 -7.79 -21.32
N THR A 27 16.54 -8.17 -21.66
CA THR A 27 16.98 -9.59 -21.71
C THR A 27 18.46 -9.73 -21.32
N LEU A 28 18.77 -10.83 -20.62
CA LEU A 28 20.16 -11.24 -20.26
C LEU A 28 20.72 -12.18 -21.33
N ASP A 29 19.89 -12.65 -22.24
CA ASP A 29 20.24 -13.70 -23.24
C ASP A 29 20.55 -13.03 -24.61
N SER A 30 21.83 -12.99 -24.99
CA SER A 30 22.30 -12.40 -26.29
C SER A 30 21.58 -13.01 -27.51
N ARG A 31 21.08 -14.25 -27.43
CA ARG A 31 20.46 -14.95 -28.59
C ARG A 31 19.05 -14.40 -28.91
N VAL A 32 18.23 -14.10 -27.90
CA VAL A 32 16.81 -13.62 -28.12
C VAL A 32 16.74 -12.08 -28.16
N ALA A 33 17.85 -11.41 -27.83
CA ALA A 33 18.04 -9.94 -28.01
C ALA A 33 17.64 -9.52 -29.43
N ALA A 34 16.54 -8.77 -29.54
CA ALA A 34 15.88 -8.31 -30.80
C ALA A 34 16.04 -6.79 -30.97
N ALA A 35 15.68 -6.28 -32.16
CA ALA A 35 15.71 -4.86 -32.55
C ALA A 35 14.99 -4.02 -31.49
N GLY A 36 15.65 -3.00 -30.95
CA GLY A 36 15.07 -2.09 -29.93
C GLY A 36 15.23 -2.58 -28.49
N ASP A 37 15.71 -3.80 -28.26
CA ASP A 37 15.79 -4.40 -26.90
C ASP A 37 16.88 -3.70 -26.09
N LEU A 38 16.80 -3.84 -24.76
CA LEU A 38 17.95 -3.56 -23.86
C LEU A 38 18.56 -4.90 -23.50
N PHE A 39 19.84 -5.07 -23.82
CA PHE A 39 20.62 -6.30 -23.51
C PHE A 39 21.42 -6.02 -22.25
N VAL A 40 21.32 -6.89 -21.25
CA VAL A 40 22.09 -6.71 -20.00
C VAL A 40 23.18 -7.77 -19.95
N ALA A 41 24.43 -7.32 -19.91
CA ALA A 41 25.66 -8.14 -19.98
C ALA A 41 26.19 -8.34 -18.56
N VAL A 42 25.96 -9.53 -17.99
CA VAL A 42 26.21 -9.89 -16.57
C VAL A 42 27.34 -10.94 -16.49
N VAL A 43 28.11 -10.96 -15.40
CA VAL A 43 29.14 -12.00 -15.14
C VAL A 43 28.63 -12.91 -14.03
N GLY A 44 28.72 -14.23 -14.23
CA GLY A 44 28.12 -15.26 -13.34
C GLY A 44 28.89 -16.57 -13.32
N HIS A 45 28.20 -17.69 -13.54
CA HIS A 45 28.77 -19.06 -13.58
C HIS A 45 29.64 -19.21 -14.84
N GLN A 46 30.95 -18.94 -14.74
CA GLN A 46 31.92 -19.12 -15.86
C GLN A 46 31.41 -18.45 -17.15
N ALA A 47 30.50 -17.48 -17.00
CA ALA A 47 29.64 -16.92 -18.08
C ALA A 47 29.77 -15.41 -18.06
N ASP A 48 30.31 -14.82 -19.14
CA ASP A 48 30.52 -13.35 -19.25
C ASP A 48 29.71 -12.81 -20.43
N GLY A 49 28.53 -12.23 -20.18
CA GLY A 49 27.66 -11.62 -21.20
C GLY A 49 28.35 -10.51 -21.98
N ARG A 50 29.41 -9.91 -21.44
CA ARG A 50 30.27 -8.91 -22.14
C ARG A 50 30.90 -9.53 -23.41
N ARG A 51 31.20 -10.84 -23.41
CA ARG A 51 31.61 -11.58 -24.64
C ARG A 51 30.61 -11.33 -25.76
N TYR A 52 29.30 -11.33 -25.44
CA TYR A 52 28.20 -11.41 -26.44
C TYR A 52 27.70 -9.99 -26.83
N ILE A 53 28.42 -8.92 -26.46
CA ILE A 53 28.03 -7.52 -26.80
C ILE A 53 28.10 -7.28 -28.32
N PRO A 54 29.17 -7.72 -29.03
CA PRO A 54 29.18 -7.71 -30.50
C PRO A 54 27.95 -8.33 -31.20
N GLN A 55 27.56 -9.56 -30.81
CA GLN A 55 26.35 -10.29 -31.32
C GLN A 55 25.07 -9.46 -31.11
N ALA A 56 24.83 -9.00 -29.88
CA ALA A 56 23.65 -8.20 -29.49
C ALA A 56 23.57 -6.96 -30.39
N ILE A 57 24.68 -6.24 -30.51
CA ILE A 57 24.82 -5.03 -31.39
C ILE A 57 24.43 -5.41 -32.82
N ALA A 58 24.96 -6.54 -33.34
CA ALA A 58 24.69 -7.05 -34.71
C ALA A 58 23.19 -7.33 -34.88
N GLN A 59 22.47 -7.59 -33.80
CA GLN A 59 21.04 -8.00 -33.80
C GLN A 59 20.14 -6.78 -33.58
N GLY A 60 20.74 -5.59 -33.47
CA GLY A 60 20.03 -4.28 -33.45
C GLY A 60 19.45 -3.91 -32.10
N VAL A 61 20.08 -4.29 -30.99
CA VAL A 61 19.67 -3.80 -29.63
C VAL A 61 19.82 -2.27 -29.62
N ALA A 62 18.86 -1.60 -28.99
CA ALA A 62 18.88 -0.14 -28.76
C ALA A 62 20.03 0.25 -27.82
N ALA A 63 20.35 -0.56 -26.81
CA ALA A 63 21.36 -0.20 -25.79
C ALA A 63 21.80 -1.43 -24.98
N ILE A 64 22.93 -1.28 -24.29
CA ILE A 64 23.54 -2.35 -23.44
C ILE A 64 23.94 -1.73 -22.09
N ILE A 65 23.64 -2.46 -21.01
CA ILE A 65 24.13 -2.20 -19.64
C ILE A 65 24.98 -3.43 -19.29
N ALA A 66 26.22 -3.19 -18.85
CA ALA A 66 27.28 -4.20 -18.65
C ALA A 66 27.91 -4.13 -17.26
N GLU A 67 28.44 -5.26 -16.79
CA GLU A 67 29.30 -5.31 -15.57
C GLU A 67 30.52 -4.42 -15.84
N ALA A 68 30.83 -3.49 -14.93
CA ALA A 68 32.00 -2.57 -15.00
C ALA A 68 33.30 -3.27 -14.57
N LYS A 69 33.18 -4.41 -13.87
CA LYS A 69 34.28 -5.15 -13.20
C LYS A 69 35.41 -5.46 -14.20
N ASP A 70 36.54 -4.78 -14.07
CA ASP A 70 37.81 -5.01 -14.84
C ASP A 70 37.78 -4.30 -16.18
N GLU A 71 36.60 -3.80 -16.61
CA GLU A 71 36.43 -3.17 -17.95
C GLU A 71 36.31 -1.66 -17.80
N ALA A 72 35.58 -1.15 -16.81
CA ALA A 72 35.11 0.25 -16.84
C ALA A 72 34.76 0.75 -15.43
N THR A 73 34.58 2.06 -15.31
CA THR A 73 34.15 2.73 -14.05
C THR A 73 32.61 2.72 -13.97
N ASP A 74 32.07 2.74 -12.74
CA ASP A 74 30.60 2.76 -12.48
C ASP A 74 30.00 4.00 -13.12
N GLY A 75 29.04 3.83 -14.04
CA GLY A 75 28.38 4.95 -14.75
C GLY A 75 29.18 5.39 -15.97
N GLU A 76 30.25 4.65 -16.33
CA GLU A 76 31.01 4.93 -17.57
C GLU A 76 30.08 4.68 -18.76
N ILE A 77 29.84 5.72 -19.57
CA ILE A 77 29.04 5.69 -20.82
C ILE A 77 30.02 5.55 -21.98
N ARG A 78 30.04 4.39 -22.66
CA ARG A 78 30.71 4.21 -23.96
C ARG A 78 29.67 4.18 -25.09
N GLU A 79 30.13 3.87 -26.31
CA GLU A 79 29.36 3.96 -27.57
C GLU A 79 30.09 3.09 -28.61
N MET A 80 29.49 1.96 -28.98
CA MET A 80 30.02 0.93 -29.93
C MET A 80 29.02 0.80 -31.09
N HIS A 81 29.44 1.10 -32.33
CA HIS A 81 28.62 1.04 -33.56
C HIS A 81 27.35 1.89 -33.39
N GLY A 82 27.47 3.01 -32.67
CA GLY A 82 26.38 3.95 -32.37
C GLY A 82 25.44 3.43 -31.29
N VAL A 83 25.77 2.30 -30.65
CA VAL A 83 24.94 1.68 -29.56
C VAL A 83 25.43 2.15 -28.20
N PRO A 84 24.62 2.90 -27.40
CA PRO A 84 24.97 3.18 -26.01
C PRO A 84 25.28 1.88 -25.22
N VAL A 85 26.47 1.83 -24.62
CA VAL A 85 26.94 0.79 -23.67
C VAL A 85 27.29 1.52 -22.37
N ILE A 86 26.56 1.20 -21.30
CA ILE A 86 26.71 1.84 -19.97
C ILE A 86 27.14 0.78 -18.96
N TYR A 87 28.22 1.05 -18.23
CA TYR A 87 28.82 0.13 -17.23
C TYR A 87 28.33 0.51 -15.82
N LEU A 88 27.92 -0.51 -15.07
CA LEU A 88 27.51 -0.42 -13.64
C LEU A 88 28.32 -1.45 -12.86
N SER A 89 28.87 -1.05 -11.71
N SER A 89 28.85 -1.06 -11.69
CA SER A 89 29.54 -1.94 -10.73
CA SER A 89 29.56 -1.95 -10.74
C SER A 89 28.45 -2.76 -10.01
C SER A 89 28.50 -2.73 -9.94
N GLN A 90 28.75 -4.02 -9.72
CA GLN A 90 27.86 -4.94 -8.96
C GLN A 90 26.51 -5.02 -9.66
N LEU A 91 26.50 -5.29 -10.96
CA LEU A 91 25.25 -5.32 -11.75
C LEU A 91 24.34 -6.45 -11.26
N ASN A 92 24.92 -7.54 -10.75
CA ASN A 92 24.14 -8.70 -10.25
C ASN A 92 23.25 -8.24 -9.09
N GLU A 93 23.77 -7.42 -8.18
CA GLU A 93 23.07 -6.94 -6.97
C GLU A 93 21.97 -5.96 -7.39
N ARG A 94 22.20 -5.21 -8.47
CA ARG A 94 21.35 -4.06 -8.89
C ARG A 94 20.35 -4.52 -9.95
N LEU A 95 20.45 -5.76 -10.39
CA LEU A 95 19.60 -6.26 -11.49
C LEU A 95 18.10 -6.20 -11.10
N SER A 96 17.75 -6.58 -9.87
CA SER A 96 16.34 -6.51 -9.43
C SER A 96 15.85 -5.05 -9.55
N ALA A 97 16.60 -4.09 -9.04
CA ALA A 97 16.17 -2.67 -8.94
C ALA A 97 16.03 -2.09 -10.36
N LEU A 98 16.90 -2.51 -11.26
CA LEU A 98 17.00 -2.09 -12.68
C LEU A 98 15.78 -2.61 -13.44
N ALA A 99 15.52 -3.92 -13.36
CA ALA A 99 14.34 -4.57 -13.97
C ALA A 99 13.07 -4.01 -13.33
N GLY A 100 13.07 -3.76 -12.02
CA GLY A 100 11.90 -3.16 -11.32
C GLY A 100 11.48 -1.83 -11.94
N ARG A 101 12.45 -0.93 -12.13
CA ARG A 101 12.25 0.38 -12.79
C ARG A 101 11.81 0.17 -14.25
N PHE A 102 12.44 -0.74 -14.97
CA PHE A 102 12.07 -1.01 -16.38
C PHE A 102 10.59 -1.38 -16.45
N TYR A 103 10.14 -2.29 -15.59
CA TYR A 103 8.76 -2.84 -15.62
C TYR A 103 7.78 -2.03 -14.75
N HIS A 104 8.11 -0.80 -14.34
CA HIS A 104 7.19 0.16 -13.64
C HIS A 104 6.81 -0.38 -12.25
N GLU A 105 7.76 -0.99 -11.56
CA GLU A 105 7.69 -1.24 -10.10
C GLU A 105 6.41 -2.00 -9.79
N PRO A 106 6.22 -3.20 -10.38
CA PRO A 106 4.97 -3.97 -10.21
C PRO A 106 4.68 -4.36 -8.76
N SER A 107 5.71 -4.55 -7.92
CA SER A 107 5.44 -4.87 -6.48
C SER A 107 4.92 -3.65 -5.71
N ASP A 108 4.99 -2.43 -6.26
CA ASP A 108 4.42 -1.20 -5.67
C ASP A 108 2.97 -1.05 -6.16
N ASN A 109 2.50 -1.90 -7.10
CA ASN A 109 1.13 -1.81 -7.68
C ASN A 109 0.32 -3.08 -7.41
N LEU A 110 0.77 -3.95 -6.52
CA LEU A 110 -0.07 -5.03 -5.93
C LEU A 110 0.50 -5.37 -4.55
N ARG A 111 -0.27 -6.09 -3.73
CA ARG A 111 0.14 -6.61 -2.40
C ARG A 111 0.88 -7.92 -2.62
N LEU A 112 2.20 -7.90 -2.43
CA LEU A 112 3.05 -9.07 -2.70
C LEU A 112 3.33 -9.68 -1.33
N VAL A 113 3.04 -10.97 -1.17
CA VAL A 113 3.49 -11.70 0.03
C VAL A 113 4.53 -12.74 -0.40
N GLY A 114 5.71 -12.67 0.22
CA GLY A 114 6.80 -13.65 0.02
C GLY A 114 6.72 -14.77 1.03
N VAL A 115 6.85 -16.03 0.60
CA VAL A 115 6.91 -17.20 1.56
C VAL A 115 8.23 -17.96 1.33
N THR A 116 9.05 -18.09 2.38
CA THR A 116 10.34 -18.83 2.41
C THR A 116 10.22 -19.95 3.43
N GLY A 117 11.04 -21.00 3.25
CA GLY A 117 11.01 -22.21 4.07
C GLY A 117 11.29 -23.42 3.22
N THR A 118 11.68 -24.52 3.84
CA THR A 118 11.92 -25.80 3.12
C THR A 118 10.56 -26.38 2.71
N ASN A 119 9.57 -26.40 3.60
CA ASN A 119 8.25 -27.06 3.35
C ASN A 119 7.08 -26.10 3.55
N GLY A 120 5.98 -26.40 2.89
CA GLY A 120 4.68 -25.71 3.06
C GLY A 120 4.62 -24.42 2.28
N LYS A 121 5.64 -24.13 1.44
CA LYS A 121 5.70 -22.85 0.69
C LYS A 121 4.54 -22.85 -0.27
N THR A 122 4.29 -23.98 -0.96
CA THR A 122 3.32 -24.05 -2.08
C THR A 122 1.93 -23.88 -1.48
N THR A 123 1.64 -24.62 -0.42
CA THR A 123 0.32 -24.62 0.24
C THR A 123 0.07 -23.25 0.87
N THR A 124 1.05 -22.65 1.52
CA THR A 124 0.84 -21.35 2.20
C THR A 124 0.57 -20.26 1.13
N THR A 125 1.38 -20.21 0.09
CA THR A 125 1.21 -19.31 -1.10
C THR A 125 -0.20 -19.52 -1.67
N GLN A 126 -0.56 -20.77 -1.94
N GLN A 126 -0.55 -20.76 -1.98
CA GLN A 126 -1.85 -21.14 -2.54
CA GLN A 126 -1.88 -21.10 -2.58
C GLN A 126 -2.99 -20.67 -1.63
C GLN A 126 -2.99 -20.63 -1.63
N LEU A 127 -2.86 -20.90 -0.32
CA LEU A 127 -3.89 -20.45 0.67
C LEU A 127 -3.98 -18.92 0.75
N LEU A 128 -2.84 -18.21 0.69
CA LEU A 128 -2.84 -16.72 0.72
C LEU A 128 -3.59 -16.23 -0.54
N ALA A 129 -3.26 -16.78 -1.72
CA ALA A 129 -3.87 -16.32 -2.98
C ALA A 129 -5.40 -16.54 -2.91
N GLN A 130 -5.86 -17.70 -2.43
CA GLN A 130 -7.29 -18.12 -2.37
C GLN A 130 -8.04 -17.22 -1.40
N TRP A 131 -7.46 -17.02 -0.21
CA TRP A 131 -8.14 -16.35 0.92
C TRP A 131 -8.27 -14.86 0.57
N SER A 132 -7.20 -14.27 0.07
CA SER A 132 -7.20 -12.87 -0.37
C SER A 132 -8.31 -12.72 -1.43
N GLN A 133 -8.43 -13.67 -2.36
CA GLN A 133 -9.40 -13.55 -3.49
C GLN A 133 -10.85 -13.74 -3.00
N LEU A 134 -11.07 -14.61 -2.01
CA LEU A 134 -12.38 -14.76 -1.35
C LEU A 134 -12.80 -13.42 -0.74
N LEU A 135 -11.85 -12.56 -0.33
CA LEU A 135 -12.17 -11.25 0.30
C LEU A 135 -12.19 -10.12 -0.75
N GLY A 136 -12.04 -10.46 -2.04
CA GLY A 136 -12.33 -9.53 -3.15
C GLY A 136 -11.10 -9.09 -3.92
N GLU A 137 -9.92 -9.63 -3.65
CA GLU A 137 -8.72 -9.39 -4.51
C GLU A 137 -8.86 -10.20 -5.80
N ILE A 138 -8.15 -9.81 -6.84
CA ILE A 138 -7.79 -10.71 -7.96
C ILE A 138 -6.36 -11.18 -7.67
N SER A 139 -6.19 -12.47 -7.38
CA SER A 139 -4.99 -13.01 -6.71
C SER A 139 -4.20 -13.90 -7.67
N ALA A 140 -2.90 -13.98 -7.45
CA ALA A 140 -1.95 -14.72 -8.30
C ALA A 140 -0.90 -15.41 -7.44
N VAL A 141 -0.27 -16.43 -7.99
CA VAL A 141 0.84 -17.16 -7.34
C VAL A 141 2.00 -17.09 -8.32
N MET A 142 3.20 -16.94 -7.75
CA MET A 142 4.46 -17.26 -8.41
C MET A 142 5.11 -18.32 -7.53
N GLY A 143 5.44 -19.47 -8.11
CA GLY A 143 6.05 -20.59 -7.39
C GLY A 143 6.41 -21.74 -8.31
N THR A 144 6.44 -22.95 -7.74
CA THR A 144 7.11 -24.16 -8.29
C THR A 144 6.19 -24.85 -9.31
N VAL A 145 4.89 -24.97 -8.97
CA VAL A 145 3.79 -25.35 -9.90
C VAL A 145 3.93 -24.48 -11.16
N GLY A 146 3.71 -23.16 -11.02
CA GLY A 146 4.06 -22.13 -12.01
C GLY A 146 3.62 -20.74 -11.56
N ASN A 147 3.34 -19.86 -12.53
CA ASN A 147 2.90 -18.46 -12.31
C ASN A 147 1.57 -18.24 -13.02
N GLY A 148 0.64 -17.52 -12.38
CA GLY A 148 -0.53 -16.93 -13.05
C GLY A 148 -1.57 -16.49 -12.04
N LEU A 149 -2.61 -15.84 -12.54
CA LEU A 149 -3.86 -15.65 -11.76
C LEU A 149 -4.31 -17.03 -11.29
N LEU A 150 -5.03 -17.07 -10.17
CA LEU A 150 -5.58 -18.32 -9.57
C LEU A 150 -6.38 -19.14 -10.61
N GLY A 151 -6.07 -20.43 -10.77
CA GLY A 151 -6.77 -21.34 -11.70
C GLY A 151 -6.28 -21.21 -13.14
N LYS A 152 -5.34 -20.29 -13.41
CA LYS A 152 -4.77 -20.03 -14.75
C LYS A 152 -3.25 -19.96 -14.63
N VAL A 153 -2.64 -20.94 -13.96
CA VAL A 153 -1.18 -20.99 -13.66
C VAL A 153 -0.46 -21.73 -14.80
N ILE A 154 0.52 -21.09 -15.41
CA ILE A 154 1.31 -21.60 -16.57
C ILE A 154 2.64 -22.13 -16.04
N PRO A 155 2.97 -23.43 -16.21
CA PRO A 155 4.24 -23.99 -15.76
C PRO A 155 5.53 -23.17 -15.93
N GLY A 161 15.55 -19.00 -14.11
CA GLY A 161 14.81 -17.77 -13.77
C GLY A 161 15.69 -16.73 -13.09
N SER A 162 15.62 -15.46 -13.51
CA SER A 162 16.54 -14.38 -13.10
C SER A 162 15.79 -13.24 -12.39
N ALA A 163 16.53 -12.27 -11.86
CA ALA A 163 15.99 -11.02 -11.27
C ALA A 163 15.10 -10.29 -12.28
N VAL A 164 15.41 -10.40 -13.59
CA VAL A 164 14.64 -9.76 -14.70
C VAL A 164 13.31 -10.51 -14.87
N ASP A 165 13.34 -11.84 -14.97
CA ASP A 165 12.13 -12.68 -15.21
C ASP A 165 11.13 -12.47 -14.07
N VAL A 166 11.63 -12.38 -12.84
CA VAL A 166 10.76 -12.17 -11.64
C VAL A 166 10.03 -10.86 -11.87
N GLN A 167 10.75 -9.80 -12.27
CA GLN A 167 10.11 -8.46 -12.37
C GLN A 167 9.15 -8.50 -13.56
N HIS A 168 9.56 -9.14 -14.65
CA HIS A 168 8.77 -9.26 -15.92
C HIS A 168 7.45 -9.99 -15.61
N GLU A 169 7.53 -11.15 -14.96
CA GLU A 169 6.35 -11.99 -14.66
C GLU A 169 5.40 -11.22 -13.75
N LEU A 170 5.96 -10.50 -12.78
CA LEU A 170 5.13 -9.76 -11.79
C LEU A 170 4.40 -8.64 -12.54
N ALA A 171 5.10 -7.92 -13.43
CA ALA A 171 4.52 -6.86 -14.29
C ALA A 171 3.39 -7.45 -15.14
N GLY A 172 3.59 -8.64 -15.71
CA GLY A 172 2.57 -9.34 -16.51
C GLY A 172 1.30 -9.60 -15.70
N LEU A 173 1.46 -10.06 -14.45
CA LEU A 173 0.28 -10.25 -13.55
C LEU A 173 -0.32 -8.89 -13.21
N VAL A 174 0.48 -7.82 -13.11
CA VAL A 174 -0.13 -6.48 -12.86
C VAL A 174 -1.04 -6.16 -14.06
N ASP A 175 -0.56 -6.41 -15.27
CA ASP A 175 -1.29 -6.09 -16.53
C ASP A 175 -2.58 -6.92 -16.63
N GLN A 176 -2.56 -8.18 -16.21
CA GLN A 176 -3.76 -9.06 -16.20
C GLN A 176 -4.72 -8.71 -15.07
N GLY A 177 -4.45 -7.69 -14.24
CA GLY A 177 -5.41 -7.18 -13.23
C GLY A 177 -5.20 -7.69 -11.80
N ALA A 178 -4.14 -8.47 -11.55
CA ALA A 178 -3.78 -8.98 -10.21
C ALA A 178 -3.55 -7.81 -9.22
N THR A 179 -4.22 -7.87 -8.05
CA THR A 179 -4.09 -6.88 -6.95
C THR A 179 -3.32 -7.50 -5.78
N PHE A 180 -3.14 -8.83 -5.81
CA PHE A 180 -2.43 -9.62 -4.77
C PHE A 180 -1.59 -10.70 -5.46
N CYS A 181 -0.42 -10.97 -4.94
CA CYS A 181 0.41 -12.07 -5.46
C CYS A 181 1.12 -12.75 -4.30
N ALA A 182 0.94 -14.06 -4.16
CA ALA A 182 1.72 -14.91 -3.23
C ALA A 182 2.87 -15.59 -3.99
N MET A 183 4.09 -15.30 -3.58
CA MET A 183 5.33 -15.75 -4.25
C MET A 183 6.07 -16.68 -3.29
N GLU A 184 6.41 -17.88 -3.77
CA GLU A 184 7.43 -18.74 -3.15
C GLU A 184 8.79 -18.10 -3.36
N VAL A 185 9.55 -17.87 -2.30
CA VAL A 185 10.96 -17.40 -2.43
C VAL A 185 11.87 -18.57 -2.03
N SER A 186 12.67 -19.05 -2.97
CA SER A 186 13.67 -20.12 -2.74
C SER A 186 14.87 -19.52 -2.00
N SER A 187 15.49 -20.30 -1.13
CA SER A 187 16.75 -19.95 -0.43
C SER A 187 17.79 -19.49 -1.46
N HIS A 188 17.88 -20.17 -2.59
CA HIS A 188 18.87 -19.90 -3.68
C HIS A 188 18.49 -18.61 -4.44
N GLY A 189 17.21 -18.28 -4.59
CA GLY A 189 16.72 -16.99 -5.12
C GLY A 189 17.15 -15.79 -4.28
N LEU A 190 17.09 -15.90 -2.95
CA LEU A 190 17.39 -14.78 -2.03
C LEU A 190 18.89 -14.44 -2.12
N VAL A 191 19.75 -15.47 -2.11
CA VAL A 191 21.24 -15.33 -2.15
C VAL A 191 21.67 -14.79 -3.52
N GLN A 192 20.96 -15.16 -4.58
CA GLN A 192 21.27 -14.74 -5.96
C GLN A 192 20.68 -13.36 -6.27
N HIS A 193 20.04 -12.68 -5.32
CA HIS A 193 19.51 -11.29 -5.50
C HIS A 193 18.34 -11.26 -6.50
N ARG A 194 17.62 -12.38 -6.65
CA ARG A 194 16.49 -12.48 -7.59
C ARG A 194 15.27 -11.67 -7.13
N VAL A 195 15.19 -11.27 -5.85
CA VAL A 195 13.99 -10.54 -5.33
C VAL A 195 14.46 -9.31 -4.55
N ALA A 196 15.70 -8.87 -4.79
CA ALA A 196 16.36 -7.83 -3.99
C ALA A 196 15.55 -6.53 -4.01
N ALA A 197 14.80 -6.17 -5.06
CA ALA A 197 14.20 -4.81 -5.10
C ALA A 197 12.67 -4.92 -4.97
N LEU A 198 12.16 -6.11 -4.68
CA LEU A 198 10.71 -6.33 -4.56
C LEU A 198 10.26 -5.73 -3.24
N LYS A 199 9.17 -4.97 -3.29
CA LYS A 199 8.49 -4.44 -2.09
C LYS A 199 7.51 -5.51 -1.62
N PHE A 200 7.93 -6.32 -0.66
CA PHE A 200 7.02 -7.31 -0.05
C PHE A 200 6.16 -6.61 1.01
N ALA A 201 4.85 -6.76 0.93
CA ALA A 201 3.91 -6.32 1.98
C ALA A 201 4.15 -7.18 3.21
N ALA A 202 4.51 -8.45 3.02
CA ALA A 202 4.73 -9.43 4.11
C ALA A 202 5.69 -10.53 3.65
N SER A 203 6.50 -11.00 4.58
CA SER A 203 7.44 -12.13 4.43
C SER A 203 7.02 -13.16 5.47
N VAL A 204 6.66 -14.36 5.00
CA VAL A 204 6.26 -15.51 5.83
C VAL A 204 7.41 -16.52 5.88
N PHE A 205 7.72 -17.03 7.05
CA PHE A 205 8.69 -18.13 7.23
C PHE A 205 7.94 -19.36 7.74
N THR A 206 8.01 -20.48 6.99
CA THR A 206 7.32 -21.75 7.36
C THR A 206 8.16 -22.62 8.32
N ASN A 207 9.43 -22.88 8.00
CA ASN A 207 10.28 -23.91 8.67
C ASN A 207 11.60 -24.04 7.90
N ASP A 218 28.75 -23.14 12.51
CA ASP A 218 28.20 -23.12 11.12
C ASP A 218 26.78 -22.53 11.12
N MET A 219 25.96 -22.84 12.14
CA MET A 219 24.66 -22.15 12.41
C MET A 219 24.89 -20.64 12.55
N GLU A 220 26.05 -20.20 13.07
CA GLU A 220 26.39 -18.77 13.31
C GLU A 220 26.56 -18.04 11.97
N HIS A 221 27.32 -18.61 11.02
CA HIS A 221 27.51 -18.05 9.64
C HIS A 221 26.18 -18.08 8.91
N TYR A 222 25.60 -19.28 8.73
CA TYR A 222 24.28 -19.52 8.10
C TYR A 222 23.34 -18.36 8.45
N GLU A 223 22.99 -18.23 9.73
CA GLU A 223 22.17 -17.14 10.28
C GLU A 223 22.74 -15.78 9.84
N ALA A 224 24.08 -15.59 9.90
CA ALA A 224 24.76 -14.30 9.60
C ALA A 224 24.59 -13.92 8.14
N ALA A 225 24.90 -14.86 7.24
CA ALA A 225 24.57 -14.83 5.79
C ALA A 225 23.14 -14.32 5.58
N LYS A 226 22.17 -15.00 6.15
CA LYS A 226 20.71 -14.76 5.88
C LYS A 226 20.29 -13.42 6.51
N TRP A 227 20.75 -13.14 7.74
CA TRP A 227 20.40 -11.89 8.46
C TRP A 227 20.81 -10.68 7.62
N LEU A 228 21.99 -10.74 7.03
CA LEU A 228 22.55 -9.65 6.22
C LEU A 228 21.65 -9.39 5.01
N LEU A 229 21.29 -10.47 4.29
CA LEU A 229 20.40 -10.47 3.09
C LEU A 229 19.04 -9.88 3.48
N TYR A 230 18.44 -10.39 4.55
CA TYR A 230 17.10 -9.98 5.03
C TYR A 230 17.08 -8.48 5.32
N SER A 231 18.17 -7.97 5.89
CA SER A 231 18.30 -6.57 6.35
C SER A 231 18.36 -5.65 5.13
N GLU A 232 18.77 -6.17 3.97
CA GLU A 232 18.85 -5.46 2.67
C GLU A 232 17.47 -5.40 1.99
N HIS A 233 16.60 -6.41 2.23
CA HIS A 233 15.27 -6.51 1.59
C HIS A 233 14.22 -5.65 2.30
N HIS A 234 13.22 -5.23 1.54
CA HIS A 234 11.93 -4.69 2.02
C HIS A 234 10.99 -5.87 2.33
N CYS A 235 10.97 -6.36 3.57
CA CYS A 235 10.29 -7.61 3.97
C CYS A 235 8.85 -7.34 4.40
N GLY A 236 8.51 -6.07 4.63
CA GLY A 236 7.21 -5.66 5.19
C GLY A 236 6.97 -6.37 6.51
N GLN A 237 5.74 -6.76 6.75
CA GLN A 237 5.28 -7.53 7.94
C GLN A 237 5.91 -8.92 7.92
N ALA A 238 6.58 -9.28 9.01
CA ALA A 238 7.31 -10.54 9.17
C ALA A 238 6.35 -11.48 9.91
N ILE A 239 6.04 -12.63 9.32
CA ILE A 239 5.15 -13.65 9.93
C ILE A 239 5.96 -14.94 10.07
N ILE A 240 6.14 -15.40 11.30
CA ILE A 240 7.12 -16.46 11.63
C ILE A 240 6.43 -17.59 12.41
N ASN A 241 6.66 -18.80 11.93
CA ASN A 241 6.29 -20.05 12.62
C ASN A 241 7.14 -20.21 13.87
N ALA A 242 6.57 -20.00 15.04
CA ALA A 242 7.26 -20.11 16.33
C ALA A 242 7.38 -21.57 16.77
N ASP A 243 6.78 -22.52 16.03
CA ASP A 243 6.92 -23.97 16.30
C ASP A 243 8.24 -24.46 15.69
N ASP A 244 8.85 -23.67 14.83
CA ASP A 244 10.19 -23.98 14.28
C ASP A 244 11.23 -23.38 15.23
N GLU A 245 12.25 -24.16 15.58
CA GLU A 245 13.37 -23.77 16.49
C GLU A 245 14.04 -22.50 15.95
N VAL A 246 14.35 -22.45 14.65
CA VAL A 246 15.07 -21.31 14.03
C VAL A 246 14.12 -20.11 14.04
N GLY A 247 12.86 -20.34 13.68
CA GLY A 247 11.78 -19.36 13.76
C GLY A 247 11.76 -18.58 15.07
N ARG A 248 11.90 -19.27 16.21
N ARG A 248 11.93 -19.27 16.20
CA ARG A 248 11.88 -18.64 17.56
CA ARG A 248 11.88 -18.67 17.57
C ARG A 248 13.09 -17.69 17.71
C ARG A 248 13.08 -17.73 17.75
N ARG A 249 14.29 -18.18 17.45
CA ARG A 249 15.52 -17.35 17.62
C ARG A 249 15.33 -16.05 16.83
N TRP A 250 14.84 -16.14 15.59
CA TRP A 250 14.59 -14.97 14.71
C TRP A 250 13.51 -14.06 15.32
N LEU A 251 12.44 -14.62 15.91
CA LEU A 251 11.38 -13.82 16.60
C LEU A 251 11.94 -13.04 17.80
N ALA A 252 12.93 -13.61 18.50
CA ALA A 252 13.61 -12.93 19.63
C ALA A 252 14.19 -11.57 19.16
N LYS A 253 14.67 -11.52 17.91
CA LYS A 253 15.35 -10.37 17.28
C LYS A 253 14.38 -9.43 16.55
N LEU A 254 13.09 -9.78 16.46
CA LEU A 254 12.12 -9.05 15.60
C LEU A 254 10.87 -8.73 16.40
N PRO A 255 10.86 -7.61 17.15
CA PRO A 255 9.74 -7.34 18.05
C PRO A 255 8.40 -7.09 17.32
N ASP A 256 8.40 -6.59 16.07
CA ASP A 256 7.18 -6.28 15.27
C ASP A 256 6.69 -7.50 14.48
N ALA A 257 7.40 -8.62 14.53
CA ALA A 257 7.08 -9.86 13.78
C ALA A 257 5.90 -10.52 14.47
N VAL A 258 5.04 -11.21 13.71
CA VAL A 258 3.91 -11.99 14.26
C VAL A 258 4.41 -13.41 14.49
N ALA A 259 4.22 -13.91 15.72
CA ALA A 259 4.56 -15.28 16.13
C ALA A 259 3.32 -16.15 15.94
N VAL A 260 3.46 -17.30 15.28
CA VAL A 260 2.32 -18.21 15.00
C VAL A 260 2.70 -19.59 15.50
N SER A 261 1.79 -20.26 16.21
CA SER A 261 2.04 -21.56 16.88
C SER A 261 0.78 -22.40 16.95
N MET A 262 0.95 -23.71 16.86
CA MET A 262 -0.11 -24.67 17.21
C MET A 262 0.42 -25.62 18.29
N GLU A 263 1.64 -25.37 18.80
CA GLU A 263 2.31 -26.20 19.83
C GLU A 263 2.73 -25.36 21.06
N ASP A 264 1.99 -24.31 21.42
CA ASP A 264 2.18 -23.53 22.67
C ASP A 264 3.55 -22.83 22.74
N HIS A 265 4.03 -22.16 21.67
CA HIS A 265 5.36 -21.48 21.65
C HIS A 265 5.20 -19.94 21.58
N ILE A 266 3.99 -19.42 21.75
CA ILE A 266 3.74 -17.98 21.93
C ILE A 266 4.27 -17.60 23.31
N ASN A 267 5.34 -16.81 23.36
CA ASN A 267 5.79 -16.14 24.61
C ASN A 267 5.05 -14.80 24.75
N PRO A 268 3.91 -14.75 25.49
CA PRO A 268 3.05 -13.56 25.49
C PRO A 268 3.56 -12.35 26.33
N ASN A 269 4.64 -12.53 27.11
CA ASN A 269 5.32 -11.42 27.85
C ASN A 269 5.77 -10.31 26.88
N CYS A 270 6.08 -10.67 25.63
N CYS A 270 6.08 -10.65 25.62
CA CYS A 270 6.63 -9.76 24.57
CA CYS A 270 6.66 -9.70 24.62
C CYS A 270 5.64 -8.62 24.25
C CYS A 270 5.64 -8.62 24.21
N HIS A 271 4.33 -8.88 24.40
CA HIS A 271 3.21 -7.95 24.05
C HIS A 271 3.21 -7.70 22.52
N GLY A 272 3.80 -8.60 21.75
CA GLY A 272 3.83 -8.54 20.28
C GLY A 272 2.59 -9.21 19.73
N ARG A 273 2.46 -9.26 18.42
CA ARG A 273 1.29 -9.88 17.76
C ARG A 273 1.55 -11.39 17.71
N TRP A 274 0.48 -12.18 17.82
CA TRP A 274 0.59 -13.66 17.93
C TRP A 274 -0.72 -14.29 17.48
N LEU A 275 -0.64 -15.56 17.11
CA LEU A 275 -1.79 -16.41 16.73
C LEU A 275 -1.43 -17.86 17.07
N LYS A 276 -2.24 -18.49 17.92
CA LYS A 276 -2.04 -19.88 18.37
C LYS A 276 -3.34 -20.66 18.25
N ALA A 277 -3.24 -21.84 17.62
CA ALA A 277 -4.28 -22.87 17.67
C ALA A 277 -4.28 -23.32 19.14
N THR A 278 -5.41 -23.21 19.81
CA THR A 278 -5.64 -23.66 21.21
C THR A 278 -6.07 -25.12 21.17
N GLU A 279 -6.95 -25.49 20.23
CA GLU A 279 -7.43 -26.88 20.05
C GLU A 279 -7.59 -27.17 18.56
N VAL A 280 -7.21 -28.37 18.15
CA VAL A 280 -7.45 -28.88 16.77
C VAL A 280 -8.14 -30.23 16.95
N ASN A 281 -9.33 -30.40 16.37
CA ASN A 281 -9.95 -31.74 16.23
C ASN A 281 -9.79 -32.19 14.76
N TYR A 282 -9.08 -33.28 14.53
CA TYR A 282 -8.85 -33.89 13.19
C TYR A 282 -9.95 -34.92 12.94
N HIS A 283 -10.88 -34.59 12.05
CA HIS A 283 -12.07 -35.43 11.75
C HIS A 283 -11.99 -35.93 10.31
N ASP A 284 -13.02 -36.68 9.90
CA ASP A 284 -12.96 -37.58 8.72
C ASP A 284 -12.88 -36.69 7.48
N SER A 285 -13.20 -35.41 7.57
CA SER A 285 -13.30 -34.53 6.38
C SER A 285 -12.45 -33.24 6.51
N GLY A 286 -11.62 -33.15 7.51
CA GLY A 286 -10.82 -31.93 7.69
C GLY A 286 -10.43 -31.74 9.13
N ALA A 287 -10.29 -30.48 9.54
CA ALA A 287 -9.78 -30.08 10.88
C ALA A 287 -10.58 -28.92 11.41
N THR A 288 -11.03 -29.04 12.64
CA THR A 288 -11.70 -27.94 13.35
C THR A 288 -10.61 -27.27 14.18
N ILE A 289 -10.32 -26.00 13.90
CA ILE A 289 -9.16 -25.25 14.46
C ILE A 289 -9.71 -24.13 15.33
N ARG A 290 -9.63 -24.26 16.66
CA ARG A 290 -9.91 -23.15 17.60
C ARG A 290 -8.60 -22.42 17.85
N PHE A 291 -8.62 -21.09 17.78
CA PHE A 291 -7.42 -20.24 17.93
C PHE A 291 -7.74 -18.96 18.70
N SER A 292 -6.73 -18.44 19.40
N SER A 292 -6.73 -18.44 19.40
CA SER A 292 -6.66 -17.07 19.96
CA SER A 292 -6.68 -17.07 19.96
C SER A 292 -5.60 -16.25 19.21
C SER A 292 -5.61 -16.25 19.23
N SER A 293 -5.82 -14.94 19.07
CA SER A 293 -4.85 -14.00 18.45
C SER A 293 -4.96 -12.62 19.09
N SER A 294 -3.95 -11.76 18.89
CA SER A 294 -4.01 -10.34 19.27
C SER A 294 -5.14 -9.64 18.50
N TRP A 295 -5.73 -10.28 17.48
CA TRP A 295 -6.83 -9.67 16.70
C TRP A 295 -8.19 -10.21 17.18
N GLY A 296 -8.20 -11.12 18.14
CA GLY A 296 -9.41 -11.82 18.58
C GLY A 296 -9.32 -13.31 18.29
N ASP A 297 -10.36 -14.03 18.74
CA ASP A 297 -10.44 -15.50 18.83
C ASP A 297 -11.47 -15.98 17.81
N GLY A 298 -11.44 -17.26 17.46
CA GLY A 298 -12.23 -17.76 16.33
C GLY A 298 -12.21 -19.26 16.24
N GLU A 299 -13.05 -19.78 15.35
CA GLU A 299 -13.13 -21.22 15.04
C GLU A 299 -13.17 -21.32 13.51
N ILE A 300 -12.26 -22.11 12.93
CA ILE A 300 -12.13 -22.32 11.46
C ILE A 300 -12.41 -23.80 11.17
N GLU A 301 -13.26 -24.07 10.19
CA GLU A 301 -13.51 -25.41 9.62
C GLU A 301 -12.61 -25.50 8.38
N SER A 302 -11.46 -26.15 8.51
CA SER A 302 -10.49 -26.38 7.40
C SER A 302 -10.90 -27.66 6.67
N HIS A 303 -10.94 -27.65 5.35
CA HIS A 303 -11.12 -28.86 4.50
C HIS A 303 -9.74 -29.45 4.12
N LEU A 304 -8.67 -29.08 4.82
CA LEU A 304 -7.29 -29.59 4.58
C LEU A 304 -6.93 -30.63 5.66
N MET A 305 -5.99 -31.50 5.35
CA MET A 305 -5.64 -32.69 6.18
C MET A 305 -4.22 -32.56 6.75
N GLY A 306 -4.04 -32.98 8.00
CA GLY A 306 -2.71 -33.08 8.64
C GLY A 306 -2.36 -31.86 9.47
N ALA A 307 -1.36 -32.01 10.33
CA ALA A 307 -0.87 -30.97 11.27
C ALA A 307 -0.19 -29.86 10.49
N PHE A 308 0.57 -30.21 9.46
CA PHE A 308 1.40 -29.24 8.72
C PHE A 308 0.49 -28.23 8.02
N ASN A 309 -0.69 -28.68 7.59
CA ASN A 309 -1.67 -27.85 6.84
C ASN A 309 -2.40 -26.94 7.82
N VAL A 310 -2.56 -27.38 9.08
CA VAL A 310 -3.08 -26.50 10.15
C VAL A 310 -2.07 -25.34 10.27
N SER A 311 -0.79 -25.65 10.41
CA SER A 311 0.30 -24.62 10.50
C SER A 311 0.23 -23.66 9.29
N ASN A 312 0.18 -24.22 8.09
CA ASN A 312 0.17 -23.43 6.83
C ASN A 312 -1.04 -22.49 6.83
N LEU A 313 -2.19 -23.00 7.24
N LEU A 313 -2.19 -23.01 7.27
CA LEU A 313 -3.43 -22.20 7.28
CA LEU A 313 -3.47 -22.26 7.34
C LEU A 313 -3.28 -21.06 8.31
C LEU A 313 -3.36 -21.10 8.34
N LEU A 314 -2.73 -21.34 9.49
CA LEU A 314 -2.55 -20.31 10.57
C LEU A 314 -1.51 -19.28 10.09
N LEU A 315 -0.55 -19.67 9.27
CA LEU A 315 0.44 -18.68 8.77
C LEU A 315 -0.26 -17.75 7.77
N ALA A 316 -1.09 -18.27 6.89
CA ALA A 316 -1.84 -17.46 5.93
C ALA A 316 -2.79 -16.52 6.69
N LEU A 317 -3.43 -17.01 7.76
CA LEU A 317 -4.42 -16.22 8.56
C LEU A 317 -3.69 -15.03 9.23
N ALA A 318 -2.59 -15.32 9.91
CA ALA A 318 -1.80 -14.33 10.67
C ALA A 318 -1.32 -13.29 9.67
N THR A 319 -0.83 -13.73 8.51
CA THR A 319 -0.34 -12.84 7.42
C THR A 319 -1.46 -11.87 7.02
N LEU A 320 -2.67 -12.38 6.76
CA LEU A 320 -3.76 -11.54 6.21
C LEU A 320 -4.29 -10.64 7.33
N LEU A 321 -4.28 -11.10 8.57
CA LEU A 321 -4.66 -10.27 9.73
C LEU A 321 -3.67 -9.10 9.83
N ALA A 322 -2.37 -9.39 9.80
CA ALA A 322 -1.24 -8.42 9.86
C ALA A 322 -1.37 -7.39 8.73
N LEU A 323 -1.81 -7.80 7.53
CA LEU A 323 -2.01 -6.87 6.39
C LEU A 323 -3.31 -6.07 6.52
N GLY A 324 -4.19 -6.36 7.49
CA GLY A 324 -5.37 -5.52 7.79
C GLY A 324 -6.68 -6.11 7.31
N TYR A 325 -6.73 -7.37 6.83
CA TYR A 325 -8.02 -7.97 6.44
C TYR A 325 -8.79 -8.30 7.72
N PRO A 326 -10.09 -7.96 7.78
CA PRO A 326 -10.84 -8.09 9.03
C PRO A 326 -11.09 -9.55 9.45
N LEU A 327 -10.78 -9.87 10.70
CA LEU A 327 -10.96 -11.23 11.26
C LEU A 327 -12.30 -11.82 10.78
N ALA A 328 -13.42 -11.12 10.97
CA ALA A 328 -14.78 -11.67 10.70
C ALA A 328 -14.87 -12.07 9.21
N ASP A 329 -14.28 -11.30 8.31
CA ASP A 329 -14.31 -11.62 6.85
C ASP A 329 -13.45 -12.86 6.54
N LEU A 330 -12.28 -12.99 7.17
CA LEU A 330 -11.41 -14.18 6.99
C LEU A 330 -12.16 -15.42 7.51
N LEU A 331 -12.78 -15.33 8.69
CA LEU A 331 -13.66 -16.40 9.30
C LEU A 331 -14.80 -16.82 8.38
N LYS A 332 -15.62 -15.89 7.87
CA LYS A 332 -16.78 -16.20 6.99
C LYS A 332 -16.33 -16.99 5.76
N THR A 333 -15.06 -16.90 5.36
CA THR A 333 -14.57 -17.40 4.05
C THR A 333 -13.68 -18.63 4.21
N ALA A 334 -13.23 -18.93 5.43
CA ALA A 334 -12.25 -20.01 5.70
C ALA A 334 -12.73 -21.36 5.14
N ALA A 335 -14.03 -21.67 5.22
CA ALA A 335 -14.59 -22.99 4.80
C ALA A 335 -14.44 -23.18 3.29
N ARG A 336 -14.20 -22.11 2.51
CA ARG A 336 -14.10 -22.24 1.04
C ARG A 336 -12.66 -22.41 0.57
N LEU A 337 -11.71 -22.43 1.50
CA LEU A 337 -10.29 -22.75 1.16
C LEU A 337 -10.22 -24.23 0.73
N GLN A 338 -9.50 -24.51 -0.34
CA GLN A 338 -9.39 -25.86 -0.92
C GLN A 338 -7.94 -26.32 -0.80
N PRO A 339 -7.73 -27.64 -0.77
CA PRO A 339 -6.37 -28.18 -0.93
C PRO A 339 -5.78 -27.88 -2.31
N VAL A 340 -4.44 -27.84 -2.40
CA VAL A 340 -3.75 -27.97 -3.72
C VAL A 340 -4.17 -29.33 -4.29
N CYS A 341 -4.59 -29.37 -5.55
CA CYS A 341 -5.04 -30.60 -6.25
C CYS A 341 -4.01 -31.72 -6.03
N GLY A 342 -4.46 -32.92 -5.66
CA GLY A 342 -3.57 -34.09 -5.44
C GLY A 342 -2.61 -33.89 -4.28
N ARG A 343 -2.89 -32.95 -3.36
CA ARG A 343 -2.08 -32.75 -2.12
C ARG A 343 -2.98 -32.88 -0.89
N MET A 344 -2.81 -34.00 -0.20
CA MET A 344 -3.69 -34.53 0.88
C MET A 344 -5.13 -34.12 0.58
N GLU A 345 -5.66 -34.47 -0.59
CA GLU A 345 -6.99 -34.00 -1.05
C GLU A 345 -8.07 -35.00 -0.62
N VAL A 346 -9.02 -34.56 0.21
CA VAL A 346 -9.98 -35.48 0.89
C VAL A 346 -11.23 -35.66 0.05
N PHE A 347 -11.68 -36.91 -0.10
CA PHE A 347 -13.00 -37.30 -0.67
C PHE A 347 -13.71 -38.12 0.42
N THR A 348 -14.84 -37.60 0.84
CA THR A 348 -15.75 -38.20 1.84
C THR A 348 -17.13 -38.21 1.21
N ALA A 349 -17.90 -39.24 1.46
CA ALA A 349 -19.27 -39.34 0.93
C ALA A 349 -20.08 -39.85 2.10
N PRO A 350 -21.34 -39.41 2.25
CA PRO A 350 -22.28 -40.01 3.21
C PRO A 350 -22.08 -41.53 3.32
N GLY A 351 -21.67 -41.96 4.53
CA GLY A 351 -21.56 -43.36 4.99
C GLY A 351 -20.54 -44.20 4.23
N LYS A 352 -19.48 -43.58 3.69
CA LYS A 352 -18.39 -44.28 2.95
C LYS A 352 -17.07 -43.99 3.68
N PRO A 353 -16.02 -44.83 3.49
CA PRO A 353 -14.70 -44.53 4.06
C PRO A 353 -14.19 -43.17 3.57
N THR A 354 -13.41 -42.45 4.38
CA THR A 354 -12.71 -41.24 3.91
C THR A 354 -11.62 -41.66 2.93
N VAL A 355 -11.46 -40.96 1.83
CA VAL A 355 -10.36 -41.29 0.89
C VAL A 355 -9.54 -40.03 0.68
N VAL A 356 -8.22 -40.17 0.64
CA VAL A 356 -7.26 -39.07 0.41
C VAL A 356 -6.39 -39.43 -0.79
N VAL A 357 -6.37 -38.55 -1.79
CA VAL A 357 -5.39 -38.64 -2.91
C VAL A 357 -4.20 -37.76 -2.55
N ASP A 358 -3.02 -38.36 -2.53
CA ASP A 358 -1.78 -37.58 -2.36
C ASP A 358 -0.82 -38.05 -3.43
N TYR A 359 0.05 -37.14 -3.84
CA TYR A 359 1.01 -37.39 -4.92
C TYR A 359 2.26 -38.07 -4.33
N ALA A 360 2.32 -38.30 -3.01
CA ALA A 360 3.51 -38.89 -2.34
C ALA A 360 4.05 -40.04 -3.21
N HIS A 361 5.28 -39.91 -3.73
CA HIS A 361 5.96 -40.96 -4.53
C HIS A 361 7.40 -41.20 -4.04
N THR A 362 7.75 -40.83 -2.81
CA THR A 362 9.08 -41.06 -2.18
C THR A 362 8.80 -41.58 -0.77
N PRO A 363 9.76 -42.28 -0.13
CA PRO A 363 9.55 -42.79 1.23
C PRO A 363 9.16 -41.68 2.23
N ASP A 364 9.91 -40.56 2.24
CA ASP A 364 9.67 -39.40 3.16
C ASP A 364 8.26 -38.85 2.93
N ALA A 365 7.88 -38.58 1.69
CA ALA A 365 6.55 -38.03 1.36
C ALA A 365 5.48 -39.05 1.79
N LEU A 366 5.71 -40.34 1.54
CA LEU A 366 4.70 -41.39 1.85
C LEU A 366 4.52 -41.43 3.37
N GLU A 367 5.61 -41.45 4.13
CA GLU A 367 5.55 -41.42 5.61
C GLU A 367 4.78 -40.17 6.09
N LYS A 368 5.03 -38.99 5.51
CA LYS A 368 4.41 -37.72 5.97
C LYS A 368 2.89 -37.79 5.73
N ALA A 369 2.49 -38.25 4.54
CA ALA A 369 1.07 -38.35 4.13
C ALA A 369 0.32 -39.34 5.03
N LEU A 370 0.92 -40.48 5.36
CA LEU A 370 0.30 -41.50 6.26
C LEU A 370 0.19 -40.94 7.69
N GLN A 371 1.25 -40.33 8.21
CA GLN A 371 1.22 -39.59 9.52
C GLN A 371 0.10 -38.54 9.51
N ALA A 372 -0.01 -37.74 8.45
CA ALA A 372 -1.06 -36.71 8.29
C ALA A 372 -2.46 -37.38 8.30
N ALA A 373 -2.65 -38.46 7.52
CA ALA A 373 -3.93 -39.20 7.36
C ALA A 373 -4.34 -39.90 8.67
N ARG A 374 -3.38 -40.46 9.43
CA ARG A 374 -3.65 -41.17 10.71
C ARG A 374 -4.40 -40.24 11.69
N LEU A 375 -4.08 -38.95 11.68
CA LEU A 375 -4.67 -37.97 12.65
C LEU A 375 -6.19 -37.97 12.44
N HIS A 376 -6.66 -38.26 11.23
CA HIS A 376 -8.09 -38.11 10.83
C HIS A 376 -8.83 -39.46 10.86
N CYS A 377 -8.15 -40.54 11.23
CA CYS A 377 -8.59 -41.94 11.07
C CYS A 377 -8.96 -42.54 12.44
N ALA A 378 -10.24 -42.74 12.72
CA ALA A 378 -10.74 -43.44 13.94
C ALA A 378 -10.58 -44.97 13.78
N GLY A 379 -10.71 -45.50 12.57
CA GLY A 379 -10.59 -46.94 12.31
C GLY A 379 -9.22 -47.33 11.77
N LYS A 380 -9.23 -48.03 10.62
CA LYS A 380 -8.02 -48.55 9.95
C LYS A 380 -7.58 -47.57 8.85
N LEU A 381 -6.28 -47.36 8.76
CA LEU A 381 -5.59 -46.59 7.69
C LEU A 381 -5.12 -47.56 6.60
N TRP A 382 -5.72 -47.45 5.42
CA TRP A 382 -5.35 -48.18 4.18
C TRP A 382 -4.42 -47.28 3.37
N CYS A 383 -3.39 -47.88 2.81
CA CYS A 383 -2.42 -47.24 1.89
C CYS A 383 -2.42 -48.03 0.58
N VAL A 384 -2.95 -47.44 -0.50
CA VAL A 384 -2.91 -47.98 -1.88
C VAL A 384 -1.78 -47.23 -2.59
N PHE A 385 -0.78 -47.96 -3.08
CA PHE A 385 0.34 -47.32 -3.80
C PHE A 385 1.10 -48.34 -4.63
N GLY A 386 2.03 -47.79 -5.41
CA GLY A 386 2.98 -48.51 -6.28
C GLY A 386 4.18 -47.63 -6.50
N CYS A 387 5.04 -48.05 -7.44
CA CYS A 387 6.33 -47.38 -7.79
C CYS A 387 6.52 -47.42 -9.31
N GLY A 388 7.02 -46.32 -9.88
CA GLY A 388 7.19 -46.17 -11.34
C GLY A 388 8.18 -47.17 -11.86
N GLY A 389 7.92 -47.73 -13.05
CA GLY A 389 8.84 -48.67 -13.72
C GLY A 389 9.91 -47.92 -14.50
N ASP A 390 11.02 -48.61 -14.80
CA ASP A 390 12.20 -48.08 -15.56
C ASP A 390 12.71 -46.80 -14.89
N ARG A 391 12.61 -46.72 -13.56
CA ARG A 391 13.17 -45.65 -12.71
C ARG A 391 14.06 -46.32 -11.68
N ASP A 392 14.70 -45.51 -10.84
CA ASP A 392 15.52 -45.96 -9.68
C ASP A 392 14.64 -46.88 -8.83
N LYS A 393 15.18 -48.05 -8.50
CA LYS A 393 14.50 -49.18 -7.82
C LYS A 393 14.77 -49.07 -6.33
N GLY A 394 15.66 -48.14 -5.95
CA GLY A 394 16.12 -47.93 -4.56
C GLY A 394 14.97 -47.69 -3.60
N LYS A 395 13.96 -46.91 -4.03
CA LYS A 395 12.85 -46.43 -3.16
C LYS A 395 11.81 -47.54 -2.89
N ARG A 396 11.80 -48.62 -3.70
CA ARG A 396 10.71 -49.60 -3.72
C ARG A 396 10.57 -50.26 -2.36
N PRO A 397 11.61 -50.93 -1.82
CA PRO A 397 11.50 -51.58 -0.52
C PRO A 397 11.39 -50.60 0.66
N LEU A 398 11.96 -49.39 0.52
CA LEU A 398 11.84 -48.32 1.55
C LEU A 398 10.36 -47.89 1.63
N MET A 399 9.69 -47.70 0.48
CA MET A 399 8.24 -47.33 0.46
C MET A 399 7.38 -48.49 0.97
N GLY A 400 7.73 -49.75 0.64
CA GLY A 400 7.08 -50.93 1.24
C GLY A 400 7.13 -50.88 2.76
N ALA A 401 8.30 -50.62 3.33
CA ALA A 401 8.56 -50.66 4.81
C ALA A 401 7.73 -49.58 5.50
N ILE A 402 7.67 -48.37 4.92
CA ILE A 402 6.83 -47.24 5.42
C ILE A 402 5.33 -47.59 5.40
N ALA A 403 4.83 -48.19 4.32
CA ALA A 403 3.41 -48.60 4.20
C ALA A 403 3.08 -49.60 5.30
N GLU A 404 3.95 -50.57 5.56
CA GLU A 404 3.77 -51.63 6.61
C GLU A 404 3.74 -50.98 8.00
N GLU A 405 4.65 -50.03 8.23
CA GLU A 405 4.80 -49.37 9.56
C GLU A 405 3.63 -48.41 9.82
N PHE A 406 3.42 -47.43 8.95
CA PHE A 406 2.53 -46.26 9.21
C PHE A 406 1.11 -46.47 8.67
N ALA A 407 0.82 -47.59 8.00
CA ALA A 407 -0.54 -48.03 7.64
C ALA A 407 -0.90 -49.29 8.42
N ASP A 408 -2.20 -49.58 8.53
CA ASP A 408 -2.73 -50.85 9.05
C ASP A 408 -2.87 -51.81 7.87
N VAL A 409 -3.30 -51.35 6.70
CA VAL A 409 -3.40 -52.21 5.48
C VAL A 409 -2.67 -51.55 4.30
N ALA A 410 -1.70 -52.27 3.73
CA ALA A 410 -0.93 -51.90 2.54
C ALA A 410 -1.53 -52.65 1.35
N VAL A 411 -2.08 -51.91 0.39
CA VAL A 411 -2.52 -52.46 -0.92
C VAL A 411 -1.50 -52.03 -1.98
N VAL A 412 -0.61 -52.95 -2.35
CA VAL A 412 0.49 -52.75 -3.32
C VAL A 412 -0.06 -53.00 -4.73
N THR A 413 0.04 -52.00 -5.59
CA THR A 413 -0.51 -52.05 -6.96
C THR A 413 0.50 -51.43 -7.92
N ASP A 414 0.09 -51.24 -9.17
CA ASP A 414 0.85 -50.56 -10.25
C ASP A 414 0.71 -49.03 -10.14
N ASP A 415 1.78 -48.34 -10.56
CA ASP A 415 1.87 -46.88 -10.74
C ASP A 415 2.90 -46.60 -11.85
N ASN A 416 2.46 -46.44 -13.09
CA ASN A 416 3.32 -46.12 -14.26
C ASN A 416 4.41 -47.19 -14.39
N PRO A 417 4.03 -48.46 -14.59
CA PRO A 417 5.02 -49.53 -14.76
C PRO A 417 5.85 -49.38 -16.05
N ARG A 418 5.40 -48.57 -17.02
CA ARG A 418 6.11 -48.37 -18.33
C ARG A 418 6.42 -49.75 -18.93
N THR A 419 7.69 -50.04 -19.28
CA THR A 419 8.09 -51.28 -20.03
C THR A 419 8.46 -52.41 -19.06
N GLU A 420 8.72 -52.09 -17.78
CA GLU A 420 9.14 -53.09 -16.75
C GLU A 420 7.97 -54.02 -16.37
N GLU A 421 8.25 -55.30 -16.17
CA GLU A 421 7.25 -56.31 -15.75
C GLU A 421 6.54 -55.75 -14.49
N PRO A 422 5.22 -55.44 -14.54
CA PRO A 422 4.58 -54.79 -13.40
C PRO A 422 4.81 -55.55 -12.09
N ARG A 423 4.67 -56.88 -12.12
CA ARG A 423 4.73 -57.72 -10.89
C ARG A 423 6.14 -57.70 -10.29
N ALA A 424 7.17 -57.51 -11.10
CA ALA A 424 8.59 -57.33 -10.67
C ALA A 424 8.69 -56.14 -9.70
N ILE A 425 8.01 -55.03 -10.00
CA ILE A 425 8.06 -53.78 -9.18
C ILE A 425 7.44 -54.10 -7.82
N ILE A 426 6.29 -54.76 -7.84
CA ILE A 426 5.57 -55.19 -6.62
C ILE A 426 6.51 -56.06 -5.77
N ASN A 427 7.22 -56.99 -6.38
CA ASN A 427 8.14 -57.91 -5.63
C ASN A 427 9.22 -57.09 -4.90
N ASP A 428 9.77 -56.06 -5.56
CA ASP A 428 10.82 -55.18 -4.97
C ASP A 428 10.23 -54.39 -3.79
N ILE A 429 8.94 -54.00 -3.87
CA ILE A 429 8.24 -53.29 -2.76
C ILE A 429 8.05 -54.25 -1.59
N LEU A 430 7.54 -55.45 -1.84
CA LEU A 430 7.23 -56.46 -0.79
C LEU A 430 8.52 -56.88 -0.07
N ALA A 431 9.63 -57.04 -0.80
CA ALA A 431 10.94 -57.45 -0.25
C ALA A 431 11.33 -56.50 0.91
N GLY A 432 10.97 -55.22 0.81
CA GLY A 432 11.27 -54.22 1.86
C GLY A 432 10.55 -54.48 3.18
N MET A 433 9.50 -55.30 3.19
CA MET A 433 8.63 -55.53 4.37
C MET A 433 9.14 -56.71 5.20
N LEU A 434 8.87 -56.64 6.51
CA LEU A 434 9.09 -57.73 7.48
C LEU A 434 8.10 -58.86 7.17
N ASP A 435 6.86 -58.52 6.80
CA ASP A 435 5.76 -59.51 6.67
C ASP A 435 4.98 -59.20 5.39
N ALA A 436 5.57 -59.49 4.23
CA ALA A 436 5.01 -59.30 2.88
C ALA A 436 3.62 -59.95 2.78
N GLY A 437 3.42 -61.10 3.43
CA GLY A 437 2.15 -61.84 3.40
C GLY A 437 0.98 -61.06 3.98
N HIS A 438 1.25 -60.09 4.86
CA HIS A 438 0.25 -59.16 5.44
C HIS A 438 -0.17 -58.10 4.39
N ALA A 439 0.72 -57.69 3.49
CA ALA A 439 0.39 -56.86 2.32
C ALA A 439 -0.71 -57.52 1.47
N LYS A 440 -1.65 -56.70 0.97
CA LYS A 440 -2.57 -57.08 -0.13
C LYS A 440 -1.94 -56.56 -1.41
N VAL A 441 -1.93 -57.40 -2.42
CA VAL A 441 -1.41 -57.10 -3.77
C VAL A 441 -2.56 -57.18 -4.75
N MET A 442 -2.71 -56.16 -5.59
CA MET A 442 -3.83 -56.09 -6.54
C MET A 442 -3.38 -55.30 -7.76
N GLU A 443 -3.46 -55.94 -8.91
CA GLU A 443 -3.06 -55.30 -10.16
C GLU A 443 -4.29 -55.15 -11.06
N GLY A 444 -4.13 -54.14 -11.89
CA GLY A 444 -5.04 -53.02 -12.08
C GLY A 444 -4.87 -52.05 -10.92
N ARG A 445 -4.34 -50.85 -11.17
CA ARG A 445 -4.40 -49.75 -10.17
C ARG A 445 -5.85 -49.47 -9.79
N ALA A 446 -6.70 -49.29 -10.81
CA ALA A 446 -8.14 -48.99 -10.66
C ALA A 446 -8.78 -50.05 -9.74
N GLU A 447 -8.40 -51.32 -9.90
CA GLU A 447 -8.98 -52.50 -9.18
C GLU A 447 -8.51 -52.46 -7.70
N ALA A 448 -7.25 -52.10 -7.48
CA ALA A 448 -6.65 -52.00 -6.12
C ALA A 448 -7.33 -50.86 -5.36
N VAL A 449 -7.52 -49.73 -6.03
CA VAL A 449 -8.22 -48.56 -5.42
C VAL A 449 -9.63 -49.01 -5.07
N THR A 450 -10.34 -49.64 -6.01
CA THR A 450 -11.69 -50.21 -5.78
C THR A 450 -11.68 -51.12 -4.56
N CYS A 451 -10.77 -52.10 -4.53
CA CYS A 451 -10.58 -53.08 -3.42
C CYS A 451 -10.51 -52.37 -2.06
N ALA A 452 -9.65 -51.36 -1.91
CA ALA A 452 -9.54 -50.53 -0.68
C ALA A 452 -10.87 -49.85 -0.38
N VAL A 453 -11.38 -49.08 -1.32
CA VAL A 453 -12.52 -48.16 -1.08
C VAL A 453 -13.76 -48.98 -0.70
N MET A 454 -13.97 -50.10 -1.38
CA MET A 454 -15.16 -50.96 -1.23
C MET A 454 -15.02 -51.86 0.01
N GLN A 455 -13.82 -52.16 0.49
CA GLN A 455 -13.70 -53.06 1.66
C GLN A 455 -13.59 -52.24 2.97
N ALA A 456 -12.99 -51.05 2.92
CA ALA A 456 -12.71 -50.24 4.12
C ALA A 456 -14.03 -49.92 4.84
N LYS A 457 -13.99 -49.81 6.17
CA LYS A 457 -15.14 -49.43 7.02
C LYS A 457 -15.43 -47.92 6.87
N GLU A 458 -16.57 -47.49 7.39
CA GLU A 458 -17.06 -46.09 7.35
C GLU A 458 -16.10 -45.15 8.10
N ASN A 459 -15.39 -45.65 9.11
CA ASN A 459 -14.55 -44.78 9.95
C ASN A 459 -13.08 -45.02 9.59
N ASP A 460 -12.82 -45.66 8.44
CA ASP A 460 -11.46 -45.96 7.94
C ASP A 460 -11.03 -44.82 7.05
N VAL A 461 -9.75 -44.79 6.71
CA VAL A 461 -9.21 -43.76 5.80
C VAL A 461 -8.38 -44.54 4.79
N VAL A 462 -8.61 -44.27 3.52
CA VAL A 462 -7.81 -44.90 2.45
C VAL A 462 -6.91 -43.84 1.86
N LEU A 463 -5.60 -43.94 2.10
CA LEU A 463 -4.63 -43.06 1.40
C LEU A 463 -4.33 -43.68 0.04
N VAL A 464 -4.62 -42.97 -1.05
CA VAL A 464 -4.22 -43.35 -2.43
C VAL A 464 -3.04 -42.47 -2.87
N ALA A 465 -1.84 -43.03 -2.85
CA ALA A 465 -0.54 -42.31 -2.99
C ALA A 465 0.06 -42.54 -4.38
N GLY A 466 0.77 -41.52 -4.89
CA GLY A 466 1.69 -41.68 -6.04
C GLY A 466 1.40 -40.72 -7.17
N LYS A 467 0.16 -40.34 -7.39
CA LYS A 467 -0.20 -39.68 -8.66
C LYS A 467 -0.70 -38.26 -8.41
N GLY A 468 -1.32 -38.03 -7.25
CA GLY A 468 -1.96 -36.73 -6.95
C GLY A 468 -2.90 -36.31 -8.08
N HIS A 469 -2.44 -35.33 -8.87
CA HIS A 469 -3.21 -34.70 -9.98
C HIS A 469 -2.94 -35.37 -11.34
N GLU A 470 -1.94 -36.27 -11.46
CA GLU A 470 -1.69 -37.01 -12.73
C GLU A 470 -3.04 -37.59 -13.21
N ASP A 471 -3.35 -37.42 -14.49
CA ASP A 471 -4.59 -37.95 -15.11
C ASP A 471 -4.22 -39.12 -16.04
N TYR A 472 -3.15 -39.88 -15.71
CA TYR A 472 -2.56 -40.88 -16.62
C TYR A 472 -1.84 -42.02 -15.89
N GLN A 473 -1.90 -43.20 -16.51
CA GLN A 473 -1.23 -44.47 -16.07
C GLN A 473 -0.40 -44.95 -17.28
N ILE A 474 0.92 -44.75 -17.26
CA ILE A 474 1.78 -45.21 -18.39
C ILE A 474 2.02 -46.73 -18.24
N VAL A 475 1.31 -47.52 -19.05
CA VAL A 475 1.50 -49.00 -19.22
C VAL A 475 2.08 -49.23 -20.61
N GLY A 476 3.30 -49.79 -20.69
CA GLY A 476 4.06 -49.91 -21.95
C GLY A 476 4.55 -48.56 -22.39
N ASN A 477 4.43 -48.25 -23.68
CA ASN A 477 4.76 -46.92 -24.25
C ASN A 477 3.48 -46.06 -24.23
N GLN A 478 2.37 -46.59 -23.69
CA GLN A 478 1.00 -45.99 -23.76
C GLN A 478 0.74 -45.15 -22.51
N ARG A 479 0.21 -43.95 -22.72
CA ARG A 479 -0.29 -43.03 -21.66
C ARG A 479 -1.82 -43.17 -21.62
N LEU A 480 -2.32 -44.12 -20.83
CA LEU A 480 -3.77 -44.44 -20.74
C LEU A 480 -4.47 -43.37 -19.91
N ASP A 481 -5.70 -43.00 -20.28
CA ASP A 481 -6.58 -42.05 -19.53
C ASP A 481 -7.05 -42.75 -18.25
N TYR A 482 -6.57 -42.26 -17.11
CA TYR A 482 -6.79 -42.82 -15.76
C TYR A 482 -6.55 -41.74 -14.71
N SER A 483 -7.49 -41.59 -13.79
CA SER A 483 -7.35 -40.63 -12.67
C SER A 483 -7.69 -41.34 -11.36
N ASP A 484 -6.78 -41.32 -10.38
CA ASP A 484 -7.08 -41.69 -8.98
C ASP A 484 -8.29 -40.87 -8.53
N ARG A 485 -8.29 -39.54 -8.77
CA ARG A 485 -9.35 -38.66 -8.21
C ARG A 485 -10.71 -39.11 -8.78
N VAL A 486 -10.77 -39.41 -10.08
CA VAL A 486 -12.02 -39.79 -10.80
C VAL A 486 -12.44 -41.19 -10.35
N THR A 487 -11.50 -42.15 -10.24
CA THR A 487 -11.83 -43.52 -9.75
C THR A 487 -12.48 -43.40 -8.38
N VAL A 488 -11.84 -42.65 -7.50
CA VAL A 488 -12.32 -42.46 -6.10
C VAL A 488 -13.69 -41.75 -6.16
N ALA A 489 -13.82 -40.62 -6.86
CA ALA A 489 -15.06 -39.81 -6.89
C ALA A 489 -16.25 -40.70 -7.32
N ARG A 490 -16.07 -41.47 -8.38
CA ARG A 490 -17.07 -42.45 -8.92
C ARG A 490 -17.38 -43.54 -7.90
N LEU A 491 -16.40 -44.12 -7.21
CA LEU A 491 -16.67 -45.16 -6.19
C LEU A 491 -17.50 -44.56 -5.06
N LEU A 492 -17.26 -43.30 -4.71
CA LEU A 492 -17.88 -42.69 -3.51
C LEU A 492 -19.26 -42.14 -3.88
N GLY A 493 -19.50 -41.93 -5.18
CA GLY A 493 -20.72 -41.30 -5.71
C GLY A 493 -20.64 -39.80 -5.61
N VAL A 494 -19.47 -39.21 -5.91
CA VAL A 494 -19.21 -37.73 -5.89
C VAL A 494 -18.50 -37.31 -7.18
N ILE A 495 -18.23 -36.02 -7.32
CA ILE A 495 -17.67 -35.41 -8.55
C ILE A 495 -16.22 -35.02 -8.24
N ALA A 496 -15.26 -35.51 -9.03
CA ALA A 496 -13.84 -35.09 -9.02
C ALA A 496 -13.70 -33.86 -9.92
N ARG B 5 -24.14 -3.47 0.24
CA ARG B 5 -24.26 -2.91 1.60
C ARG B 5 -25.35 -3.66 2.36
N ASN B 6 -24.96 -4.38 3.41
CA ASN B 6 -25.87 -5.17 4.27
C ASN B 6 -25.58 -4.84 5.74
N LEU B 7 -26.62 -4.70 6.57
CA LEU B 7 -26.48 -4.42 8.02
C LEU B 7 -25.68 -5.53 8.72
N ARG B 8 -25.89 -6.79 8.32
CA ARG B 8 -25.23 -7.98 8.93
C ARG B 8 -23.72 -7.93 8.67
N ASP B 9 -23.33 -7.78 7.41
CA ASP B 9 -21.89 -7.75 7.01
C ASP B 9 -21.22 -6.48 7.57
N LEU B 10 -21.88 -5.31 7.48
CA LEU B 10 -21.43 -4.02 8.06
C LEU B 10 -20.97 -4.25 9.51
N LEU B 11 -21.74 -5.03 10.30
CA LEU B 11 -21.62 -5.11 11.78
C LEU B 11 -20.93 -6.40 12.25
N ALA B 12 -20.61 -7.33 11.34
CA ALA B 12 -19.94 -8.61 11.65
C ALA B 12 -18.78 -8.39 12.63
N PRO B 13 -17.84 -7.44 12.42
CA PRO B 13 -16.75 -7.24 13.38
C PRO B 13 -17.20 -6.90 14.82
N TRP B 14 -18.41 -6.39 15.02
CA TRP B 14 -18.85 -5.84 16.34
C TRP B 14 -20.10 -6.56 16.88
N VAL B 15 -20.99 -7.03 16.01
CA VAL B 15 -22.35 -7.54 16.38
C VAL B 15 -22.57 -8.86 15.65
N PRO B 16 -22.23 -10.01 16.30
CA PRO B 16 -22.35 -11.33 15.67
C PRO B 16 -23.69 -11.65 15.03
N ASP B 17 -24.80 -11.30 15.68
CA ASP B 17 -26.15 -11.77 15.26
C ASP B 17 -26.99 -10.56 14.86
N ALA B 18 -26.47 -9.73 13.96
CA ALA B 18 -27.23 -8.61 13.36
C ALA B 18 -28.07 -9.16 12.21
N PRO B 19 -29.34 -8.71 12.04
CA PRO B 19 -30.17 -9.16 10.92
C PRO B 19 -29.52 -8.84 9.58
N SER B 20 -29.72 -9.71 8.60
CA SER B 20 -29.51 -9.42 7.15
C SER B 20 -30.58 -8.40 6.72
N ARG B 21 -30.18 -7.29 6.08
CA ARG B 21 -31.06 -6.15 5.71
C ARG B 21 -30.29 -5.16 4.82
N ALA B 22 -30.55 -5.16 3.51
CA ALA B 22 -29.84 -4.35 2.49
C ALA B 22 -29.94 -2.85 2.85
N LEU B 23 -28.88 -2.08 2.57
CA LEU B 23 -28.86 -0.64 2.93
C LEU B 23 -28.45 0.18 1.71
N ARG B 24 -29.02 1.37 1.58
CA ARG B 24 -28.77 2.28 0.44
C ARG B 24 -27.68 3.27 0.83
N GLU B 25 -28.02 4.43 1.39
CA GLU B 25 -27.05 5.46 1.85
C GLU B 25 -26.97 5.44 3.38
N MET B 26 -25.90 5.99 3.95
CA MET B 26 -25.69 6.08 5.42
C MET B 26 -25.79 7.56 5.80
N THR B 27 -26.62 7.93 6.79
CA THR B 27 -26.84 9.37 7.12
C THR B 27 -26.98 9.59 8.63
N LEU B 28 -26.50 10.75 9.10
CA LEU B 28 -26.66 11.25 10.49
C LEU B 28 -27.91 12.13 10.60
N ASP B 29 -28.54 12.48 9.46
CA ASP B 29 -29.63 13.49 9.38
C ASP B 29 -30.97 12.80 9.07
N SER B 30 -31.85 12.72 10.08
CA SER B 30 -33.25 12.23 9.99
C SER B 30 -34.01 12.92 8.85
N ARG B 31 -33.56 14.10 8.39
CA ARG B 31 -34.27 14.94 7.40
C ARG B 31 -33.92 14.51 5.97
N VAL B 32 -32.74 13.94 5.72
CA VAL B 32 -32.38 13.40 4.37
C VAL B 32 -32.54 11.88 4.36
N ALA B 33 -32.93 11.29 5.50
CA ALA B 33 -33.06 9.83 5.72
C ALA B 33 -34.18 9.25 4.86
N ALA B 34 -33.82 8.66 3.72
CA ALA B 34 -34.72 8.13 2.66
C ALA B 34 -34.99 6.63 2.87
N ALA B 35 -35.93 6.09 2.08
CA ALA B 35 -36.32 4.65 2.05
C ALA B 35 -35.10 3.78 1.74
N GLY B 36 -34.76 2.86 2.63
CA GLY B 36 -33.65 1.88 2.44
C GLY B 36 -32.31 2.38 2.99
N ASP B 37 -32.23 3.61 3.49
CA ASP B 37 -31.01 4.21 4.11
C ASP B 37 -30.71 3.55 5.46
N LEU B 38 -29.46 3.64 5.91
CA LEU B 38 -29.06 3.44 7.34
C LEU B 38 -29.00 4.83 7.99
N PHE B 39 -29.80 5.01 9.02
CA PHE B 39 -29.83 6.25 9.85
C PHE B 39 -28.95 6.00 11.07
N VAL B 40 -28.05 6.93 11.41
CA VAL B 40 -27.16 6.74 12.59
C VAL B 40 -27.50 7.81 13.61
N ALA B 41 -28.08 7.41 14.74
CA ALA B 41 -28.50 8.31 15.85
C ALA B 41 -27.31 8.54 16.78
N VAL B 42 -26.77 9.75 16.84
CA VAL B 42 -25.55 10.10 17.63
C VAL B 42 -25.89 11.22 18.61
N VAL B 43 -25.16 11.29 19.73
CA VAL B 43 -25.35 12.28 20.83
C VAL B 43 -24.21 13.29 20.75
N GLY B 44 -24.51 14.57 20.45
CA GLY B 44 -23.57 15.70 20.49
C GLY B 44 -23.81 16.70 19.36
N ALA B 47 -27.21 18.18 20.87
CA ALA B 47 -28.45 17.48 20.42
C ALA B 47 -28.24 15.96 20.36
N ASP B 48 -29.34 15.21 20.49
CA ASP B 48 -29.41 13.73 20.60
C ASP B 48 -30.26 13.20 19.44
N GLY B 49 -29.64 12.56 18.45
CA GLY B 49 -30.28 12.06 17.22
C GLY B 49 -31.28 10.93 17.50
N ARG B 50 -31.23 10.29 18.68
CA ARG B 50 -32.17 9.19 19.09
C ARG B 50 -33.60 9.75 19.22
N ARG B 51 -33.73 11.02 19.63
CA ARG B 51 -35.01 11.81 19.58
C ARG B 51 -35.69 11.60 18.22
N TYR B 52 -34.93 11.59 17.12
CA TYR B 52 -35.45 11.58 15.72
C TYR B 52 -35.56 10.15 15.15
N ILE B 53 -35.51 9.09 15.98
CA ILE B 53 -35.66 7.69 15.50
C ILE B 53 -37.07 7.51 14.93
N PRO B 54 -38.13 7.93 15.64
CA PRO B 54 -39.50 7.88 15.11
C PRO B 54 -39.60 8.42 13.68
N GLN B 55 -39.13 9.65 13.42
CA GLN B 55 -39.17 10.31 12.07
C GLN B 55 -38.53 9.40 11.02
N ALA B 56 -37.29 8.97 11.27
CA ALA B 56 -36.49 8.11 10.37
C ALA B 56 -37.27 6.83 10.04
N ILE B 57 -37.83 6.13 11.04
CA ILE B 57 -38.68 4.92 10.82
C ILE B 57 -39.83 5.29 9.86
N ALA B 58 -40.48 6.44 10.09
CA ALA B 58 -41.67 6.92 9.34
C ALA B 58 -41.28 7.36 7.92
N GLN B 59 -39.97 7.41 7.62
CA GLN B 59 -39.44 7.80 6.29
C GLN B 59 -38.79 6.60 5.59
N GLY B 60 -38.92 5.39 6.16
CA GLY B 60 -38.66 4.10 5.48
C GLY B 60 -37.23 3.57 5.62
N VAL B 61 -36.39 4.17 6.48
CA VAL B 61 -34.98 3.71 6.73
C VAL B 61 -34.98 2.19 6.97
N ALA B 62 -34.08 1.45 6.32
CA ALA B 62 -33.91 -0.02 6.46
C ALA B 62 -33.46 -0.39 7.87
N ALA B 63 -32.69 0.46 8.54
CA ALA B 63 -32.09 0.12 9.86
C ALA B 63 -31.61 1.39 10.56
N ILE B 64 -31.34 1.28 11.86
CA ILE B 64 -30.79 2.37 12.69
C ILE B 64 -29.65 1.81 13.55
N ILE B 65 -28.54 2.55 13.62
CA ILE B 65 -27.46 2.37 14.63
C ILE B 65 -27.49 3.58 15.56
N ALA B 66 -27.53 3.33 16.88
CA ALA B 66 -27.84 4.36 17.91
C ALA B 66 -26.83 4.30 19.08
N GLU B 67 -26.61 5.45 19.72
CA GLU B 67 -25.78 5.55 20.95
C GLU B 67 -26.49 4.75 22.05
N ALA B 68 -25.73 3.91 22.75
CA ALA B 68 -26.22 2.96 23.79
C ALA B 68 -26.36 3.66 25.14
N LYS B 69 -25.70 4.81 25.33
CA LYS B 69 -25.54 5.50 26.64
C LYS B 69 -26.90 5.75 27.29
N ASP B 70 -27.18 5.04 28.40
CA ASP B 70 -28.37 5.17 29.28
C ASP B 70 -29.56 4.34 28.74
N GLU B 71 -29.60 4.09 27.43
CA GLU B 71 -30.73 3.41 26.75
C GLU B 71 -30.51 1.90 26.74
N ALA B 72 -29.28 1.44 26.48
CA ALA B 72 -29.02 0.03 26.09
C ALA B 72 -27.57 -0.39 26.37
N THR B 73 -27.30 -1.68 26.13
CA THR B 73 -25.94 -2.28 26.18
C THR B 73 -25.33 -2.29 24.78
N ASP B 74 -24.00 -2.36 24.69
CA ASP B 74 -23.20 -2.42 23.43
C ASP B 74 -23.56 -3.70 22.67
N GLY B 75 -23.97 -3.57 21.41
CA GLY B 75 -24.36 -4.71 20.56
C GLY B 75 -25.79 -5.16 20.83
N GLU B 76 -26.57 -4.41 21.62
CA GLU B 76 -27.99 -4.76 21.91
C GLU B 76 -28.81 -4.58 20.63
N ILE B 77 -29.57 -5.62 20.24
CA ILE B 77 -30.42 -5.64 19.03
C ILE B 77 -31.91 -5.50 19.43
N ARG B 78 -32.53 -4.36 19.09
CA ARG B 78 -33.99 -4.08 19.27
C ARG B 78 -34.67 -3.89 17.90
N GLU B 79 -36.00 -3.74 17.91
CA GLU B 79 -36.86 -3.57 16.72
C GLU B 79 -38.02 -2.63 17.06
N MET B 80 -38.27 -1.64 16.18
CA MET B 80 -39.41 -0.68 16.23
C MET B 80 -39.96 -0.55 14.81
N HIS B 81 -41.25 -0.87 14.63
CA HIS B 81 -42.02 -0.81 13.35
C HIS B 81 -41.42 -1.74 12.29
N GLY B 82 -40.68 -2.77 12.72
CA GLY B 82 -39.98 -3.72 11.83
C GLY B 82 -38.57 -3.28 11.43
N VAL B 83 -38.15 -2.06 11.79
CA VAL B 83 -36.78 -1.51 11.55
C VAL B 83 -35.84 -2.00 12.65
N PRO B 84 -34.75 -2.74 12.36
CA PRO B 84 -33.72 -3.04 13.37
C PRO B 84 -33.06 -1.76 13.89
N VAL B 85 -33.01 -1.60 15.22
CA VAL B 85 -32.32 -0.48 15.93
C VAL B 85 -31.22 -1.14 16.80
N ILE B 86 -29.95 -0.95 16.42
CA ILE B 86 -28.75 -1.60 17.01
C ILE B 86 -27.94 -0.55 17.79
N TYR B 87 -27.71 -0.82 19.09
CA TYR B 87 -27.08 0.13 20.06
C TYR B 87 -25.58 -0.19 20.23
N LEU B 88 -24.74 0.83 20.02
CA LEU B 88 -23.26 0.74 20.17
C LEU B 88 -22.84 1.81 21.17
N SER B 89 -22.10 1.40 22.20
N SER B 89 -22.10 1.40 22.20
CA SER B 89 -21.42 2.32 23.15
C SER B 89 -20.29 3.05 22.39
N GLN B 90 -20.02 4.31 22.71
CA GLN B 90 -18.95 5.13 22.10
C GLN B 90 -19.15 5.20 20.57
N LEU B 91 -20.39 5.44 20.11
CA LEU B 91 -20.75 5.54 18.66
C LEU B 91 -19.91 6.63 17.97
N ASN B 92 -19.68 7.77 18.62
CA ASN B 92 -18.91 8.90 18.02
C ASN B 92 -17.47 8.44 17.74
N GLU B 93 -16.87 7.66 18.66
CA GLU B 93 -15.49 7.15 18.55
C GLU B 93 -15.40 6.20 17.36
N ARG B 94 -16.47 5.42 17.10
CA ARG B 94 -16.45 4.26 16.18
C ARG B 94 -17.14 4.58 14.86
N LEU B 95 -17.64 5.80 14.71
CA LEU B 95 -18.39 6.22 13.49
C LEU B 95 -17.46 6.13 12.27
N SER B 96 -16.21 6.60 12.39
CA SER B 96 -15.22 6.53 11.31
C SER B 96 -15.01 5.06 10.88
N ALA B 97 -14.79 4.14 11.80
CA ALA B 97 -14.57 2.71 11.44
C ALA B 97 -15.83 2.14 10.78
N LEU B 98 -16.99 2.57 11.28
CA LEU B 98 -18.31 2.05 10.90
C LEU B 98 -18.55 2.41 9.43
N ALA B 99 -18.44 3.72 9.15
CA ALA B 99 -18.55 4.34 7.81
C ALA B 99 -17.47 3.77 6.88
N GLY B 100 -16.26 3.55 7.39
CA GLY B 100 -15.16 2.92 6.62
C GLY B 100 -15.55 1.57 6.04
N ARG B 101 -16.01 0.67 6.90
CA ARG B 101 -16.51 -0.67 6.52
C ARG B 101 -17.71 -0.52 5.56
N PHE B 102 -18.63 0.42 5.85
CA PHE B 102 -19.82 0.70 5.01
C PHE B 102 -19.43 1.04 3.57
N TYR B 103 -18.44 1.91 3.36
CA TYR B 103 -18.02 2.41 2.02
C TYR B 103 -16.75 1.74 1.52
N HIS B 104 -16.46 0.51 1.97
CA HIS B 104 -15.44 -0.39 1.37
C HIS B 104 -14.03 0.15 1.58
N GLU B 105 -13.79 0.74 2.75
CA GLU B 105 -12.41 1.01 3.25
C GLU B 105 -11.66 1.80 2.18
N PRO B 106 -12.13 3.02 1.80
CA PRO B 106 -11.49 3.82 0.76
C PRO B 106 -10.01 4.17 1.00
N SER B 107 -9.56 4.34 2.25
CA SER B 107 -8.16 4.70 2.57
C SER B 107 -7.22 3.49 2.40
N ASP B 108 -7.76 2.26 2.30
CA ASP B 108 -7.02 1.02 1.91
C ASP B 108 -6.92 0.89 0.39
N ASN B 109 -7.65 1.70 -0.38
CA ASN B 109 -7.69 1.57 -1.86
C ASN B 109 -7.06 2.82 -2.48
N LEU B 110 -6.40 3.68 -1.70
CA LEU B 110 -5.54 4.75 -2.25
C LEU B 110 -4.47 5.13 -1.22
N ARG B 111 -3.47 5.88 -1.65
CA ARG B 111 -2.40 6.41 -0.79
C ARG B 111 -2.93 7.72 -0.21
N LEU B 112 -3.32 7.71 1.05
CA LEU B 112 -3.86 8.90 1.73
C LEU B 112 -2.75 9.54 2.58
N VAL B 113 -2.51 10.82 2.34
CA VAL B 113 -1.59 11.65 3.15
C VAL B 113 -2.41 12.71 3.89
N GLY B 114 -2.25 12.73 5.21
CA GLY B 114 -2.92 13.67 6.11
C GLY B 114 -1.97 14.79 6.44
N VAL B 115 -2.41 16.04 6.33
CA VAL B 115 -1.58 17.25 6.66
C VAL B 115 -2.27 18.02 7.80
N THR B 116 -1.52 18.27 8.87
N THR B 116 -1.54 18.19 8.92
CA THR B 116 -2.01 18.97 10.09
CA THR B 116 -1.95 18.88 10.17
C THR B 116 -1.03 20.09 10.44
C THR B 116 -1.07 20.13 10.35
N GLY B 117 -1.54 21.10 11.15
CA GLY B 117 -0.80 22.33 11.48
C GLY B 117 -1.69 23.53 11.27
N THR B 118 -1.30 24.67 11.83
CA THR B 118 -2.10 25.91 11.72
C THR B 118 -2.00 26.47 10.29
N ASN B 119 -0.79 26.54 9.72
CA ASN B 119 -0.56 27.14 8.38
C ASN B 119 0.03 26.11 7.42
N GLY B 120 -0.16 26.33 6.12
CA GLY B 120 0.56 25.61 5.05
C GLY B 120 -0.10 24.29 4.74
N LYS B 121 -1.27 24.02 5.32
CA LYS B 121 -2.02 22.77 5.11
C LYS B 121 -2.39 22.75 3.63
N THR B 122 -3.01 23.85 3.16
CA THR B 122 -3.64 23.93 1.82
C THR B 122 -2.55 23.79 0.76
N THR B 123 -1.50 24.62 0.83
CA THR B 123 -0.33 24.55 -0.10
C THR B 123 0.30 23.14 -0.02
N THR B 124 0.55 22.59 1.17
CA THR B 124 1.31 21.30 1.28
C THR B 124 0.50 20.17 0.62
N THR B 125 -0.79 20.09 0.92
N THR B 125 -0.80 20.08 0.89
CA THR B 125 -1.75 19.13 0.32
CA THR B 125 -1.73 19.09 0.28
C THR B 125 -1.71 19.28 -1.21
C THR B 125 -1.71 19.27 -1.24
N GLN B 126 -1.81 20.52 -1.71
CA GLN B 126 -1.79 20.83 -3.17
C GLN B 126 -0.48 20.37 -3.80
N LEU B 127 0.65 20.61 -3.16
CA LEU B 127 1.91 20.13 -3.76
C LEU B 127 1.93 18.60 -3.73
N LEU B 128 1.43 17.96 -2.67
CA LEU B 128 1.46 16.48 -2.56
C LEU B 128 0.65 15.91 -3.72
N ALA B 129 -0.58 16.40 -3.92
CA ALA B 129 -1.49 15.94 -4.98
C ALA B 129 -0.85 16.17 -6.35
N GLN B 130 -0.35 17.39 -6.60
CA GLN B 130 0.32 17.76 -7.88
C GLN B 130 1.55 16.89 -8.12
N TRP B 131 2.42 16.73 -7.13
CA TRP B 131 3.74 16.10 -7.38
C TRP B 131 3.55 14.61 -7.66
N SER B 132 2.76 13.95 -6.81
CA SER B 132 2.32 12.55 -7.01
C SER B 132 1.70 12.42 -8.40
N GLN B 133 0.80 13.32 -8.79
CA GLN B 133 0.10 13.23 -10.12
C GLN B 133 1.12 13.32 -11.25
N LEU B 134 2.12 14.21 -11.14
CA LEU B 134 3.27 14.31 -12.09
C LEU B 134 4.05 13.00 -12.14
N LEU B 135 3.99 12.13 -11.14
CA LEU B 135 4.69 10.82 -11.17
C LEU B 135 3.71 9.72 -11.59
N GLY B 136 2.48 10.07 -11.94
CA GLY B 136 1.60 9.09 -12.61
C GLY B 136 0.43 8.65 -11.76
N GLU B 137 0.25 9.19 -10.55
CA GLU B 137 -0.96 8.91 -9.74
C GLU B 137 -2.15 9.64 -10.37
N ILE B 138 -3.38 9.21 -10.11
CA ILE B 138 -4.56 10.12 -10.26
C ILE B 138 -4.82 10.66 -8.85
N SER B 139 -4.36 11.89 -8.60
CA SER B 139 -4.33 12.56 -7.29
C SER B 139 -5.60 13.37 -7.04
N ALA B 140 -6.07 13.38 -5.79
CA ALA B 140 -7.18 14.21 -5.27
C ALA B 140 -6.71 14.99 -4.05
N VAL B 141 -7.50 15.97 -3.67
CA VAL B 141 -7.30 16.81 -2.46
C VAL B 141 -8.64 16.82 -1.73
N MET B 142 -8.58 16.78 -0.41
CA MET B 142 -9.74 17.06 0.48
C MET B 142 -9.28 18.13 1.46
N GLY B 143 -9.80 19.35 1.29
CA GLY B 143 -9.30 20.54 1.98
C GLY B 143 -10.35 21.60 2.21
N THR B 144 -9.89 22.76 2.66
CA THR B 144 -10.74 23.89 3.14
C THR B 144 -11.50 24.41 1.91
N VAL B 145 -10.76 24.80 0.86
CA VAL B 145 -11.28 25.04 -0.50
C VAL B 145 -12.46 24.08 -0.73
N GLY B 146 -12.16 22.77 -0.86
CA GLY B 146 -13.14 21.68 -1.04
C GLY B 146 -12.47 20.36 -1.42
N ASN B 147 -13.17 19.52 -2.19
CA ASN B 147 -12.81 18.10 -2.44
C ASN B 147 -12.91 17.80 -3.92
N GLY B 148 -11.94 17.07 -4.48
CA GLY B 148 -12.11 16.41 -5.78
C GLY B 148 -10.78 16.06 -6.39
N LEU B 149 -10.82 15.51 -7.61
CA LEU B 149 -9.59 15.27 -8.41
C LEU B 149 -8.94 16.63 -8.67
N LEU B 150 -7.63 16.66 -8.84
CA LEU B 150 -6.90 17.89 -9.25
C LEU B 150 -7.63 18.60 -10.39
N GLY B 151 -7.83 19.92 -10.25
CA GLY B 151 -8.53 20.80 -11.22
C GLY B 151 -10.05 20.69 -11.17
N LYS B 152 -10.62 19.84 -10.31
CA LYS B 152 -12.07 19.50 -10.30
C LYS B 152 -12.57 19.48 -8.86
N VAL B 153 -12.25 20.53 -8.10
CA VAL B 153 -12.49 20.60 -6.63
C VAL B 153 -13.78 21.38 -6.39
N ILE B 154 -14.84 20.69 -5.94
CA ILE B 154 -16.22 21.21 -5.63
C ILE B 154 -16.17 21.80 -4.21
N PRO B 155 -16.38 23.13 -4.03
CA PRO B 155 -16.34 23.75 -2.69
C PRO B 155 -17.17 23.10 -1.57
N GLY B 161 -19.06 18.64 8.45
CA GLY B 161 -18.54 17.37 7.91
C GLY B 161 -18.25 16.36 9.01
N SER B 162 -18.99 15.26 9.06
CA SER B 162 -18.83 14.17 10.06
C SER B 162 -17.83 13.11 9.58
N ALA B 163 -17.52 12.15 10.45
CA ALA B 163 -16.69 10.96 10.14
C ALA B 163 -17.26 10.23 8.92
N VAL B 164 -18.60 10.24 8.77
CA VAL B 164 -19.33 9.58 7.65
C VAL B 164 -19.02 10.29 6.33
N ASP B 165 -19.18 11.62 6.30
CA ASP B 165 -18.95 12.47 5.10
C ASP B 165 -17.49 12.32 4.64
N VAL B 166 -16.56 12.25 5.59
CA VAL B 166 -15.12 12.08 5.23
C VAL B 166 -14.99 10.77 4.45
N GLN B 167 -15.51 9.67 4.98
CA GLN B 167 -15.36 8.33 4.35
C GLN B 167 -16.16 8.27 3.05
N HIS B 168 -17.38 8.80 3.05
CA HIS B 168 -18.26 8.91 1.86
C HIS B 168 -17.49 9.60 0.72
N GLU B 169 -16.92 10.76 1.02
CA GLU B 169 -16.24 11.60 0.02
C GLU B 169 -15.02 10.84 -0.50
N LEU B 170 -14.26 10.21 0.40
CA LEU B 170 -13.05 9.43 0.03
C LEU B 170 -13.49 8.25 -0.85
N ALA B 171 -14.66 7.65 -0.59
CA ALA B 171 -15.25 6.56 -1.41
C ALA B 171 -15.56 7.09 -2.81
N GLY B 172 -16.04 8.33 -2.93
CA GLY B 172 -16.36 8.99 -4.22
C GLY B 172 -15.13 9.24 -5.06
N LEU B 173 -14.02 9.59 -4.42
CA LEU B 173 -12.75 9.82 -5.15
C LEU B 173 -12.19 8.45 -5.58
N VAL B 174 -12.41 7.38 -4.82
CA VAL B 174 -11.97 6.01 -5.21
C VAL B 174 -12.72 5.63 -6.49
N ASP B 175 -14.04 5.81 -6.52
CA ASP B 175 -14.92 5.51 -7.68
C ASP B 175 -14.54 6.36 -8.90
N GLN B 176 -14.04 7.58 -8.69
CA GLN B 176 -13.66 8.47 -9.80
C GLN B 176 -12.28 8.04 -10.30
N GLY B 177 -11.63 7.07 -9.65
CA GLY B 177 -10.32 6.50 -10.04
C GLY B 177 -9.12 7.12 -9.35
N ALA B 178 -9.31 7.96 -8.31
CA ALA B 178 -8.18 8.54 -7.54
C ALA B 178 -7.34 7.40 -6.94
N THR B 179 -6.02 7.47 -7.07
CA THR B 179 -5.03 6.53 -6.48
C THR B 179 -4.22 7.20 -5.37
N PHE B 180 -4.39 8.50 -5.17
CA PHE B 180 -3.64 9.32 -4.17
C PHE B 180 -4.55 10.44 -3.70
N CYS B 181 -4.53 10.71 -2.41
CA CYS B 181 -5.33 11.81 -1.86
C CYS B 181 -4.52 12.54 -0.79
N ALA B 182 -4.45 13.85 -0.91
CA ALA B 182 -3.89 14.74 0.12
C ALA B 182 -5.07 15.43 0.83
N MET B 183 -5.17 15.18 2.13
CA MET B 183 -6.26 15.62 3.03
C MET B 183 -5.69 16.59 4.08
N GLU B 184 -6.31 17.76 4.19
CA GLU B 184 -6.19 18.70 5.33
C GLU B 184 -6.90 18.09 6.54
N VAL B 185 -6.20 17.91 7.63
CA VAL B 185 -6.83 17.43 8.89
C VAL B 185 -6.76 18.57 9.89
N SER B 186 -7.92 19.12 10.26
CA SER B 186 -8.06 20.20 11.27
C SER B 186 -7.85 19.62 12.66
N SER B 187 -7.26 20.42 13.56
CA SER B 187 -7.06 20.08 15.00
C SER B 187 -8.37 19.55 15.59
N HIS B 188 -9.49 20.17 15.25
CA HIS B 188 -10.83 19.86 15.81
C HIS B 188 -11.41 18.62 15.12
N GLY B 189 -11.16 18.43 13.83
CA GLY B 189 -11.42 17.14 13.13
C GLY B 189 -10.86 15.97 13.93
N LEU B 190 -9.57 15.99 14.21
CA LEU B 190 -8.85 14.94 14.99
C LEU B 190 -9.50 14.72 16.36
N VAL B 191 -9.78 15.79 17.12
CA VAL B 191 -10.34 15.68 18.50
C VAL B 191 -11.73 15.03 18.41
N GLN B 192 -12.55 15.38 17.42
CA GLN B 192 -13.91 14.85 17.19
C GLN B 192 -13.91 13.49 16.45
N HIS B 193 -12.77 12.81 16.28
CA HIS B 193 -12.67 11.43 15.72
C HIS B 193 -13.12 11.38 14.25
N ARG B 194 -12.97 12.49 13.52
CA ARG B 194 -13.49 12.60 12.12
C ARG B 194 -12.65 11.75 11.17
N VAL B 195 -11.40 11.46 11.51
CA VAL B 195 -10.48 10.65 10.67
C VAL B 195 -9.98 9.43 11.47
N ALA B 196 -10.72 8.98 12.48
CA ALA B 196 -10.23 7.96 13.45
C ALA B 196 -9.94 6.60 12.76
N ALA B 197 -10.65 6.14 11.71
CA ALA B 197 -10.32 4.81 11.14
C ALA B 197 -9.65 4.93 9.78
N LEU B 198 -9.10 6.09 9.44
CA LEU B 198 -8.46 6.25 8.11
C LEU B 198 -7.06 5.65 8.19
N LYS B 199 -6.67 4.88 7.18
CA LYS B 199 -5.29 4.39 6.98
C LYS B 199 -4.46 5.45 6.26
N PHE B 200 -3.82 6.32 7.02
CA PHE B 200 -2.86 7.30 6.49
C PHE B 200 -1.56 6.60 6.13
N ALA B 201 -1.11 6.73 4.89
CA ALA B 201 0.22 6.28 4.41
C ALA B 201 1.25 7.21 5.02
N ALA B 202 0.89 8.48 5.24
CA ALA B 202 1.78 9.47 5.87
C ALA B 202 0.98 10.59 6.55
N SER B 203 1.55 11.12 7.64
CA SER B 203 1.03 12.27 8.41
C SER B 203 2.14 13.30 8.44
N VAL B 204 1.82 14.46 7.88
CA VAL B 204 2.72 15.64 7.82
C VAL B 204 2.30 16.65 8.89
N PHE B 205 3.27 17.19 9.61
CA PHE B 205 3.09 18.35 10.51
C PHE B 205 3.80 19.55 9.92
N THR B 206 3.08 20.65 9.68
CA THR B 206 3.66 21.92 9.17
C THR B 206 4.19 22.79 10.32
N ASN B 207 3.35 23.11 11.31
CA ASN B 207 3.62 24.13 12.37
C ASN B 207 2.42 24.30 13.31
N LEU B 208 2.63 24.81 14.56
CA LEU B 208 1.60 24.98 15.63
C LEU B 208 1.68 26.38 16.26
N ASP B 218 -1.43 24.13 30.91
CA ASP B 218 -2.28 23.51 29.85
C ASP B 218 -1.39 22.88 28.78
N MET B 219 -0.23 23.47 28.45
CA MET B 219 0.73 22.86 27.49
C MET B 219 0.88 21.36 27.81
N GLU B 220 0.95 21.00 29.10
CA GLU B 220 1.05 19.57 29.51
C GLU B 220 -0.23 18.85 29.09
N HIS B 221 -1.42 19.38 29.42
CA HIS B 221 -2.73 18.74 29.09
C HIS B 221 -2.89 18.69 27.56
N TYR B 222 -2.58 19.78 26.86
CA TYR B 222 -2.77 19.94 25.39
C TYR B 222 -2.08 18.77 24.70
N GLU B 223 -0.76 18.63 24.91
CA GLU B 223 0.13 17.57 24.40
C GLU B 223 -0.34 16.17 24.82
N ALA B 224 -0.73 15.97 26.09
CA ALA B 224 -1.25 14.68 26.61
C ALA B 224 -2.44 14.27 25.77
N ALA B 225 -3.37 15.19 25.63
CA ALA B 225 -4.60 14.99 24.85
C ALA B 225 -4.20 14.58 23.42
N LYS B 226 -3.20 15.23 22.84
CA LYS B 226 -2.92 15.04 21.39
C LYS B 226 -2.11 13.75 21.19
N TRP B 227 -1.16 13.47 22.09
CA TRP B 227 -0.37 12.22 22.05
C TRP B 227 -1.31 11.01 22.11
N LEU B 228 -2.31 11.06 22.97
CA LEU B 228 -3.29 9.97 23.17
C LEU B 228 -4.03 9.71 21.85
N LEU B 229 -4.61 10.77 21.26
CA LEU B 229 -5.29 10.78 19.93
C LEU B 229 -4.40 10.20 18.84
N TYR B 230 -3.15 10.65 18.76
CA TYR B 230 -2.14 10.20 17.75
C TYR B 230 -1.96 8.67 17.84
N SER B 231 -1.76 8.19 19.07
CA SER B 231 -1.50 6.75 19.38
C SER B 231 -2.68 5.88 18.93
N GLU B 232 -3.89 6.46 18.80
CA GLU B 232 -5.13 5.75 18.41
C GLU B 232 -5.26 5.67 16.88
N HIS B 233 -4.58 6.55 16.14
CA HIS B 233 -4.71 6.66 14.67
C HIS B 233 -3.64 5.83 13.97
N HIS B 234 -3.95 5.36 12.76
CA HIS B 234 -2.98 4.81 11.80
C HIS B 234 -2.35 5.98 11.05
N CYS B 235 -1.20 6.47 11.52
CA CYS B 235 -0.56 7.71 11.04
C CYS B 235 0.36 7.40 9.86
N GLY B 236 0.80 6.15 9.71
CA GLY B 236 1.78 5.72 8.71
C GLY B 236 3.08 6.46 8.89
N GLN B 237 3.77 6.83 7.81
CA GLN B 237 5.04 7.60 7.88
C GLN B 237 4.79 9.02 8.39
N ALA B 238 5.48 9.41 9.45
CA ALA B 238 5.38 10.74 10.07
C ALA B 238 6.46 11.67 9.49
N ILE B 239 6.04 12.81 8.94
CA ILE B 239 6.94 13.86 8.37
C ILE B 239 6.71 15.14 9.16
N ILE B 240 7.78 15.67 9.76
CA ILE B 240 7.67 16.73 10.80
C ILE B 240 8.63 17.86 10.44
N ASN B 241 8.08 19.06 10.39
CA ASN B 241 8.87 20.30 10.25
C ASN B 241 9.69 20.49 11.53
N ALA B 242 10.99 20.20 11.51
CA ALA B 242 11.92 20.40 12.65
C ALA B 242 12.19 21.89 12.92
N ASP B 243 11.75 22.81 12.05
CA ASP B 243 11.93 24.27 12.25
C ASP B 243 10.88 24.78 13.24
N ASP B 244 9.83 24.02 13.52
CA ASP B 244 8.85 24.35 14.59
C ASP B 244 9.35 23.76 15.91
N GLU B 245 9.32 24.55 17.00
CA GLU B 245 9.80 24.16 18.36
C GLU B 245 9.02 22.93 18.85
N VAL B 246 7.71 22.93 18.63
CA VAL B 246 6.83 21.80 19.04
C VAL B 246 7.11 20.58 18.16
N GLY B 247 7.40 20.76 16.87
CA GLY B 247 7.79 19.69 15.94
C GLY B 247 9.03 18.95 16.42
N ARG B 248 10.02 19.67 16.93
CA ARG B 248 11.31 19.09 17.40
C ARG B 248 11.04 18.18 18.59
N ARG B 249 10.16 18.62 19.48
CA ARG B 249 9.87 17.86 20.72
C ARG B 249 9.27 16.52 20.32
N TRP B 250 8.33 16.53 19.38
CA TRP B 250 7.68 15.28 18.88
C TRP B 250 8.72 14.41 18.15
N LEU B 251 9.64 15.02 17.38
CA LEU B 251 10.70 14.29 16.64
C LEU B 251 11.53 13.45 17.63
N ALA B 252 11.84 14.01 18.79
CA ALA B 252 12.63 13.34 19.85
C ALA B 252 11.87 12.09 20.37
N LYS B 253 10.53 12.04 20.26
CA LYS B 253 9.67 10.89 20.68
C LYS B 253 9.37 9.93 19.52
N LEU B 254 9.78 10.24 18.30
CA LEU B 254 9.43 9.43 17.10
C LEU B 254 10.70 9.17 16.32
N PRO B 255 11.44 8.10 16.64
CA PRO B 255 12.69 7.80 15.94
C PRO B 255 12.49 7.49 14.44
N ASP B 256 11.31 7.00 14.01
CA ASP B 256 11.05 6.64 12.58
C ASP B 256 10.42 7.81 11.81
N ALA B 257 10.20 8.97 12.43
CA ALA B 257 9.67 10.19 11.78
C ALA B 257 10.77 10.79 10.91
N VAL B 258 10.41 11.50 9.84
CA VAL B 258 11.40 12.24 9.01
C VAL B 258 11.48 13.67 9.51
N ALA B 259 12.69 14.16 9.79
CA ALA B 259 12.94 15.54 10.20
C ALA B 259 13.15 16.36 8.94
N VAL B 260 12.47 17.50 8.82
CA VAL B 260 12.60 18.40 7.64
C VAL B 260 12.95 19.79 8.16
N SER B 261 13.97 20.42 7.59
CA SER B 261 14.44 21.75 8.05
C SER B 261 14.95 22.58 6.88
N MET B 262 14.83 23.90 7.02
CA MET B 262 15.53 24.86 6.14
C MET B 262 16.33 25.82 7.01
N GLU B 263 16.33 25.62 8.34
CA GLU B 263 17.00 26.51 9.34
C GLU B 263 17.97 25.69 10.22
N ASP B 264 18.54 24.59 9.73
CA ASP B 264 19.64 23.86 10.40
C ASP B 264 19.19 23.07 11.66
N HIS B 265 17.97 22.55 11.71
CA HIS B 265 17.45 21.89 12.94
C HIS B 265 17.52 20.36 12.81
N ILE B 266 18.23 19.85 11.81
CA ILE B 266 18.48 18.39 11.65
C ILE B 266 19.61 18.03 12.60
N ASN B 267 19.36 17.10 13.53
CA ASN B 267 20.38 16.53 14.44
C ASN B 267 20.89 15.20 13.86
N PRO B 268 22.07 15.17 13.17
CA PRO B 268 22.60 13.96 12.55
C PRO B 268 22.86 12.76 13.49
N ASN B 269 23.07 13.02 14.79
CA ASN B 269 23.38 12.01 15.84
C ASN B 269 22.26 10.95 15.94
N CYS B 270 21.03 11.29 15.56
N CYS B 270 21.02 11.30 15.59
CA CYS B 270 19.84 10.39 15.71
CA CYS B 270 19.84 10.38 15.71
C CYS B 270 19.89 9.26 14.66
C CYS B 270 19.92 9.24 14.67
N HIS B 271 20.58 9.48 13.53
CA HIS B 271 20.76 8.48 12.43
C HIS B 271 19.41 8.12 11.82
N GLY B 272 18.46 9.05 11.87
CA GLY B 272 17.09 8.91 11.34
C GLY B 272 17.01 9.51 9.94
N ARG B 273 15.81 9.58 9.39
CA ARG B 273 15.62 10.15 8.04
C ARG B 273 15.44 11.66 8.21
N TRP B 274 16.06 12.42 7.31
CA TRP B 274 16.10 13.90 7.37
C TRP B 274 16.14 14.43 5.94
N LEU B 275 15.76 15.70 5.83
CA LEU B 275 15.83 16.51 4.60
C LEU B 275 15.96 17.98 5.04
N LYS B 276 16.93 18.66 4.47
CA LYS B 276 17.18 20.05 4.87
C LYS B 276 17.60 20.86 3.64
N ALA B 277 17.22 22.13 3.63
CA ALA B 277 17.70 23.05 2.60
C ALA B 277 19.09 23.48 3.07
N THR B 278 20.11 23.37 2.23
CA THR B 278 21.47 23.89 2.55
C THR B 278 21.55 25.33 2.05
N GLU B 279 21.02 25.60 0.85
CA GLU B 279 21.13 26.93 0.19
C GLU B 279 19.78 27.25 -0.45
N VAL B 280 19.18 28.39 -0.12
CA VAL B 280 18.00 28.90 -0.88
C VAL B 280 18.37 30.23 -1.49
N ASN B 281 18.24 30.37 -2.82
CA ASN B 281 18.32 31.65 -3.56
C ASN B 281 16.91 32.10 -3.94
N TYR B 282 16.42 33.18 -3.33
CA TYR B 282 15.08 33.78 -3.64
C TYR B 282 15.26 34.78 -4.78
N HIS B 283 14.68 34.49 -5.95
CA HIS B 283 14.84 35.32 -7.18
C HIS B 283 13.45 35.72 -7.72
N ASP B 284 13.44 36.46 -8.83
CA ASP B 284 12.29 37.29 -9.21
C ASP B 284 11.14 36.37 -9.63
N SER B 285 11.38 35.09 -9.92
CA SER B 285 10.34 34.16 -10.45
C SER B 285 10.16 32.93 -9.56
N GLY B 286 10.76 32.92 -8.37
CA GLY B 286 10.68 31.76 -7.45
C GLY B 286 11.97 31.56 -6.70
N ALA B 287 12.32 30.31 -6.38
CA ALA B 287 13.40 29.98 -5.42
C ALA B 287 14.22 28.80 -5.95
N THR B 288 15.54 28.93 -5.94
CA THR B 288 16.49 27.81 -6.17
C THR B 288 16.77 27.19 -4.79
N ILE B 289 16.36 25.94 -4.60
CA ILE B 289 16.49 25.21 -3.31
C ILE B 289 17.53 24.11 -3.50
N ARG B 290 18.69 24.25 -2.87
CA ARG B 290 19.66 23.13 -2.71
C ARG B 290 19.32 22.40 -1.40
N PHE B 291 19.29 21.08 -1.43
CA PHE B 291 19.00 20.23 -0.26
C PHE B 291 19.88 18.99 -0.27
N SER B 292 20.19 18.51 0.93
N SER B 292 20.17 18.52 0.93
CA SER B 292 20.71 17.14 1.21
CA SER B 292 20.68 17.16 1.23
C SER B 292 19.64 16.38 1.98
C SER B 292 19.56 16.37 1.90
N SER B 293 19.64 15.05 1.88
CA SER B 293 18.67 14.13 2.51
C SER B 293 19.27 12.73 2.62
N SER B 294 18.71 11.91 3.49
CA SER B 294 19.14 10.51 3.64
C SER B 294 18.81 9.72 2.38
N TRP B 295 18.02 10.29 1.45
CA TRP B 295 17.79 9.69 0.11
C TRP B 295 18.77 10.29 -0.92
N GLY B 296 19.68 11.17 -0.51
CA GLY B 296 20.56 11.88 -1.46
C GLY B 296 20.19 13.35 -1.66
N ASP B 297 20.93 14.01 -2.55
CA ASP B 297 21.02 15.49 -2.67
C ASP B 297 20.48 15.92 -4.03
N GLY B 298 20.08 17.19 -4.14
CA GLY B 298 19.36 17.67 -5.34
C GLY B 298 19.32 19.18 -5.38
N GLU B 299 18.98 19.70 -6.56
CA GLU B 299 18.61 21.12 -6.75
C GLU B 299 17.20 21.16 -7.33
N ILE B 300 16.31 21.93 -6.69
CA ILE B 300 14.92 22.17 -7.16
C ILE B 300 14.79 23.65 -7.54
N GLU B 301 14.17 23.91 -8.71
CA GLU B 301 13.70 25.25 -9.14
C GLU B 301 12.22 25.34 -8.79
N SER B 302 11.86 25.93 -7.65
CA SER B 302 10.47 26.16 -7.20
C SER B 302 9.91 27.41 -7.89
N HIS B 303 8.65 27.37 -8.35
CA HIS B 303 7.90 28.51 -8.92
C HIS B 303 6.98 29.14 -7.84
N LEU B 304 7.20 28.81 -6.56
CA LEU B 304 6.45 29.38 -5.40
C LEU B 304 7.32 30.46 -4.74
N MET B 305 6.66 31.36 -4.02
CA MET B 305 7.28 32.57 -3.41
C MET B 305 7.33 32.45 -1.88
N GLY B 306 8.47 32.84 -1.29
CA GLY B 306 8.60 33.04 0.16
C GLY B 306 9.17 31.80 0.84
N ALA B 307 9.50 31.89 2.13
CA ALA B 307 10.25 30.87 2.89
C ALA B 307 9.29 29.77 3.32
N PHE B 308 8.10 30.14 3.76
CA PHE B 308 7.05 29.20 4.23
C PHE B 308 6.74 28.19 3.10
N ASN B 309 6.80 28.60 1.83
CA ASN B 309 6.51 27.72 0.67
C ASN B 309 7.71 26.83 0.33
N VAL B 310 8.94 27.27 0.62
CA VAL B 310 10.13 26.37 0.60
C VAL B 310 9.83 25.28 1.63
N SER B 311 9.54 25.66 2.87
CA SER B 311 9.24 24.68 3.96
C SER B 311 8.14 23.72 3.50
N ASN B 312 7.03 24.22 2.95
CA ASN B 312 5.90 23.37 2.48
C ASN B 312 6.37 22.43 1.35
N LEU B 313 7.23 22.89 0.46
CA LEU B 313 7.75 22.09 -0.68
C LEU B 313 8.67 20.99 -0.14
N LEU B 314 9.56 21.31 0.81
CA LEU B 314 10.47 20.31 1.44
C LEU B 314 9.65 19.22 2.16
N LEU B 315 8.58 19.62 2.84
CA LEU B 315 7.70 18.66 3.54
C LEU B 315 7.07 17.70 2.53
N ALA B 316 6.54 18.22 1.42
CA ALA B 316 5.93 17.42 0.33
C ALA B 316 6.95 16.42 -0.21
N LEU B 317 8.16 16.89 -0.55
CA LEU B 317 9.30 16.10 -1.07
C LEU B 317 9.69 15.02 -0.04
N ALA B 318 9.91 15.39 1.22
CA ALA B 318 10.25 14.47 2.32
C ALA B 318 9.16 13.37 2.39
N THR B 319 7.89 13.74 2.25
CA THR B 319 6.74 12.82 2.35
C THR B 319 6.79 11.80 1.21
N LEU B 320 6.96 12.29 -0.03
CA LEU B 320 6.88 11.39 -1.21
C LEU B 320 8.16 10.53 -1.22
N LEU B 321 9.31 11.06 -0.81
CA LEU B 321 10.50 10.21 -0.61
C LEU B 321 10.18 9.08 0.38
N ALA B 322 9.64 9.39 1.55
CA ALA B 322 9.32 8.41 2.62
C ALA B 322 8.37 7.36 2.10
N LEU B 323 7.51 7.72 1.16
CA LEU B 323 6.57 6.78 0.53
C LEU B 323 7.26 6.00 -0.60
N GLY B 324 8.50 6.33 -0.96
CA GLY B 324 9.28 5.49 -1.90
C GLY B 324 9.25 5.96 -3.34
N TYR B 325 8.69 7.15 -3.61
CA TYR B 325 8.80 7.77 -4.95
C TYR B 325 10.28 8.11 -5.16
N PRO B 326 10.88 7.76 -6.31
CA PRO B 326 12.32 7.95 -6.47
C PRO B 326 12.71 9.43 -6.53
N LEU B 327 13.78 9.80 -5.82
CA LEU B 327 14.36 11.15 -5.85
C LEU B 327 14.46 11.68 -7.30
N ALA B 328 15.03 10.93 -8.25
CA ALA B 328 15.31 11.45 -9.62
C ALA B 328 14.00 11.84 -10.31
N ASP B 329 12.93 11.07 -10.11
CA ASP B 329 11.60 11.39 -10.69
C ASP B 329 10.98 12.62 -10.00
N LEU B 330 11.19 12.79 -8.71
CA LEU B 330 10.68 13.99 -7.97
C LEU B 330 11.42 15.22 -8.49
N LEU B 331 12.74 15.16 -8.61
CA LEU B 331 13.58 16.26 -9.19
C LEU B 331 13.09 16.63 -10.60
N LYS B 332 12.90 15.67 -11.51
CA LYS B 332 12.65 16.03 -12.93
C LYS B 332 11.26 16.63 -13.08
N THR B 333 10.42 16.60 -12.03
CA THR B 333 9.03 17.08 -12.10
C THR B 333 8.84 18.34 -11.26
N ALA B 334 9.80 18.73 -10.43
CA ALA B 334 9.61 19.78 -9.37
C ALA B 334 9.27 21.14 -10.03
N ALA B 335 9.85 21.41 -11.18
CA ALA B 335 9.73 22.70 -11.92
C ALA B 335 8.29 22.87 -12.41
N ARG B 336 7.52 21.78 -12.50
CA ARG B 336 6.11 21.85 -12.96
C ARG B 336 5.13 22.04 -11.79
N LEU B 337 5.60 22.08 -10.54
CA LEU B 337 4.75 22.38 -9.36
C LEU B 337 4.26 23.84 -9.47
N GLN B 338 3.00 24.11 -9.12
CA GLN B 338 2.45 25.46 -9.35
C GLN B 338 1.81 25.97 -8.06
N PRO B 339 1.73 27.30 -7.88
CA PRO B 339 1.11 27.87 -6.69
C PRO B 339 -0.38 27.52 -6.66
N VAL B 340 -0.97 27.49 -5.47
CA VAL B 340 -2.44 27.65 -5.31
C VAL B 340 -2.81 28.98 -5.96
N CYS B 341 -3.83 28.98 -6.82
CA CYS B 341 -4.25 30.19 -7.56
C CYS B 341 -4.50 31.34 -6.57
N GLY B 342 -3.91 32.50 -6.80
CA GLY B 342 -4.11 33.65 -5.91
C GLY B 342 -3.47 33.49 -4.54
N ARG B 343 -2.50 32.58 -4.40
CA ARG B 343 -1.64 32.44 -3.20
C ARG B 343 -0.18 32.64 -3.59
N MET B 344 0.35 33.84 -3.27
CA MET B 344 1.70 34.29 -3.67
C MET B 344 1.92 33.83 -5.11
N GLU B 345 0.98 34.15 -5.98
CA GLU B 345 1.04 33.69 -7.40
C GLU B 345 1.85 34.69 -8.22
N VAL B 346 3.00 34.25 -8.73
CA VAL B 346 4.00 35.14 -9.37
C VAL B 346 3.67 35.28 -10.85
N PHE B 347 3.66 36.51 -11.35
CA PHE B 347 3.62 36.86 -12.80
C PHE B 347 4.92 37.56 -13.14
N THR B 348 5.61 37.02 -14.15
CA THR B 348 6.86 37.61 -14.69
C THR B 348 6.73 37.64 -16.20
N ALA B 349 7.18 38.73 -16.79
CA ALA B 349 7.41 38.84 -18.24
C ALA B 349 8.80 39.46 -18.44
N PRO B 350 9.47 39.06 -19.53
CA PRO B 350 10.61 39.79 -20.07
C PRO B 350 10.65 41.31 -19.81
N GLY B 351 11.61 41.75 -18.98
CA GLY B 351 11.97 43.16 -18.77
C GLY B 351 10.89 43.99 -18.11
N LYS B 352 10.12 43.38 -17.20
CA LYS B 352 9.00 44.03 -16.46
C LYS B 352 9.18 43.77 -14.97
N PRO B 353 8.62 44.60 -14.07
CA PRO B 353 8.63 44.30 -12.64
C PRO B 353 7.99 42.91 -12.45
N THR B 354 8.50 42.12 -11.50
CA THR B 354 7.80 40.91 -11.02
C THR B 354 6.51 41.33 -10.32
N VAL B 355 5.39 40.67 -10.56
CA VAL B 355 4.09 40.95 -9.89
C VAL B 355 3.57 39.68 -9.21
N VAL B 356 3.08 39.82 -7.99
CA VAL B 356 2.55 38.70 -7.17
C VAL B 356 1.11 39.04 -6.84
N VAL B 357 0.20 38.13 -7.15
CA VAL B 357 -1.22 38.25 -6.72
C VAL B 357 -1.44 37.34 -5.50
N ASP B 358 -2.00 37.90 -4.43
CA ASP B 358 -2.28 37.15 -3.18
C ASP B 358 -3.57 37.65 -2.56
N TYR B 359 -4.32 36.73 -1.94
CA TYR B 359 -5.63 37.01 -1.33
C TYR B 359 -5.47 37.73 0.02
N ALA B 360 -4.27 37.90 0.57
CA ALA B 360 -4.04 38.62 1.85
C ALA B 360 -5.00 39.79 1.98
N HIS B 361 -5.95 39.70 2.93
CA HIS B 361 -6.99 40.74 3.18
C HIS B 361 -7.13 41.06 4.70
N THR B 362 -6.17 40.65 5.52
CA THR B 362 -6.02 40.94 6.98
C THR B 362 -4.61 41.49 7.25
N PRO B 363 -4.41 42.18 8.40
CA PRO B 363 -3.09 42.71 8.73
C PRO B 363 -2.01 41.63 8.72
N ASP B 364 -2.21 40.55 9.46
N ASP B 364 -2.21 40.55 9.47
CA ASP B 364 -1.27 39.41 9.63
CA ASP B 364 -1.25 39.42 9.61
C ASP B 364 -0.93 38.79 8.27
C ASP B 364 -0.93 38.83 8.24
N ALA B 365 -1.95 38.50 7.44
CA ALA B 365 -1.76 37.91 6.10
C ALA B 365 -0.96 38.89 5.21
N LEU B 366 -1.25 40.18 5.27
CA LEU B 366 -0.59 41.18 4.41
C LEU B 366 0.88 41.31 4.82
N GLU B 367 1.16 41.31 6.11
CA GLU B 367 2.53 41.31 6.65
C GLU B 367 3.29 40.08 6.14
N LYS B 368 2.73 38.86 6.25
CA LYS B 368 3.43 37.65 5.74
C LYS B 368 3.68 37.76 4.22
N ALA B 369 2.73 38.21 3.41
CA ALA B 369 2.85 38.27 1.93
C ALA B 369 3.95 39.27 1.51
N LEU B 370 4.04 40.44 2.14
CA LEU B 370 5.10 41.44 1.87
C LEU B 370 6.46 40.89 2.33
N GLN B 371 6.50 40.22 3.49
CA GLN B 371 7.74 39.60 4.04
C GLN B 371 8.21 38.53 3.06
N ALA B 372 7.28 37.71 2.57
CA ALA B 372 7.55 36.66 1.56
C ALA B 372 8.08 37.33 0.28
N ALA B 373 7.40 38.40 -0.17
CA ALA B 373 7.68 39.07 -1.46
C ALA B 373 9.03 39.78 -1.37
N ARG B 374 9.38 40.35 -0.20
CA ARG B 374 10.66 41.08 -0.03
C ARG B 374 11.85 40.17 -0.35
N LEU B 375 11.73 38.87 -0.05
CA LEU B 375 12.87 37.93 -0.22
C LEU B 375 13.27 37.90 -1.70
N HIS B 376 12.30 38.11 -2.59
CA HIS B 376 12.43 37.94 -4.05
C HIS B 376 12.70 39.29 -4.74
N CYS B 377 12.85 40.36 -3.97
CA CYS B 377 12.83 41.77 -4.45
C CYS B 377 14.22 42.40 -4.26
N ALA B 378 14.98 42.59 -5.34
CA ALA B 378 16.28 43.30 -5.36
C ALA B 378 16.06 44.84 -5.31
N GLY B 379 14.97 45.35 -5.92
CA GLY B 379 14.64 46.79 -5.96
C GLY B 379 13.67 47.21 -4.88
N LYS B 380 12.61 47.90 -5.31
CA LYS B 380 11.54 48.46 -4.44
C LYS B 380 10.34 47.50 -4.42
N LEU B 381 9.76 47.29 -3.23
CA LEU B 381 8.53 46.48 -3.02
C LEU B 381 7.32 47.42 -3.02
N TRP B 382 6.40 47.20 -3.96
CA TRP B 382 5.12 47.94 -4.10
C TRP B 382 4.02 47.08 -3.47
N CYS B 383 3.03 47.70 -2.83
CA CYS B 383 1.84 46.98 -2.32
C CYS B 383 0.61 47.69 -2.84
N VAL B 384 -0.18 47.01 -3.66
CA VAL B 384 -1.47 47.55 -4.15
C VAL B 384 -2.56 46.82 -3.36
N PHE B 385 -3.42 47.55 -2.67
CA PHE B 385 -4.49 46.96 -1.83
C PHE B 385 -5.51 48.02 -1.38
N GLY B 386 -6.64 47.52 -0.88
CA GLY B 386 -7.67 48.31 -0.21
C GLY B 386 -8.37 47.43 0.80
N CYS B 387 -9.53 47.90 1.24
CA CYS B 387 -10.31 47.26 2.32
C CYS B 387 -11.78 47.29 1.95
N GLY B 388 -12.48 46.22 2.34
CA GLY B 388 -13.88 45.98 1.98
C GLY B 388 -14.74 47.01 2.66
N GLY B 389 -15.76 47.48 1.98
CA GLY B 389 -16.72 48.44 2.58
C GLY B 389 -17.77 47.69 3.38
N ASP B 390 -18.40 48.38 4.33
CA ASP B 390 -19.62 47.94 5.08
C ASP B 390 -19.28 46.72 5.94
N ARG B 391 -18.00 46.45 6.18
CA ARG B 391 -17.57 45.45 7.17
C ARG B 391 -16.09 45.57 7.50
N ASP B 392 -15.68 44.89 8.57
CA ASP B 392 -14.30 44.72 9.09
C ASP B 392 -13.57 46.06 8.97
N LYS B 393 -13.98 47.05 9.77
CA LYS B 393 -13.52 48.45 9.66
C LYS B 393 -12.26 48.67 10.50
N GLY B 394 -12.13 47.96 11.62
CA GLY B 394 -10.96 48.07 12.51
C GLY B 394 -9.64 47.72 11.83
N LYS B 395 -9.63 46.75 10.90
CA LYS B 395 -8.39 46.27 10.22
C LYS B 395 -7.78 47.38 9.34
N ARG B 396 -8.55 48.40 8.99
CA ARG B 396 -8.18 49.42 7.97
C ARG B 396 -6.87 50.14 8.32
N PRO B 397 -6.76 50.82 9.48
CA PRO B 397 -5.55 51.58 9.78
C PRO B 397 -4.35 50.63 9.97
N LEU B 398 -4.60 49.40 10.44
CA LEU B 398 -3.56 48.36 10.71
C LEU B 398 -3.00 47.83 9.39
N MET B 399 -3.83 47.72 8.36
N MET B 399 -3.87 47.65 8.39
CA MET B 399 -3.35 47.28 7.03
CA MET B 399 -3.48 47.30 7.00
C MET B 399 -2.60 48.43 6.36
C MET B 399 -2.57 48.42 6.49
N GLY B 400 -3.03 49.69 6.60
CA GLY B 400 -2.28 50.90 6.25
C GLY B 400 -0.88 50.90 6.84
N ALA B 401 -0.75 50.59 8.13
CA ALA B 401 0.54 50.60 8.88
C ALA B 401 1.47 49.51 8.34
N ILE B 402 0.93 48.32 8.07
CA ILE B 402 1.67 47.14 7.54
C ILE B 402 2.22 47.53 6.16
N ALA B 403 1.40 48.06 5.25
CA ALA B 403 1.84 48.41 3.88
C ALA B 403 3.01 49.38 3.95
N GLU B 404 2.91 50.33 4.87
CA GLU B 404 3.89 51.42 5.03
C GLU B 404 5.19 50.83 5.55
N GLU B 405 5.11 49.91 6.51
CA GLU B 405 6.34 49.38 7.14
C GLU B 405 7.01 48.34 6.23
N PHE B 406 6.27 47.34 5.74
CA PHE B 406 6.83 46.14 5.07
C PHE B 406 6.88 46.34 3.55
N ALA B 407 6.40 47.48 3.05
CA ALA B 407 6.62 47.88 1.64
C ALA B 407 7.35 49.22 1.58
N ASP B 408 7.95 49.51 0.43
CA ASP B 408 8.57 50.81 0.08
C ASP B 408 7.51 51.74 -0.50
N VAL B 409 6.55 51.25 -1.29
CA VAL B 409 5.49 52.09 -1.91
C VAL B 409 4.15 51.42 -1.64
N ALA B 410 3.22 52.18 -1.05
CA ALA B 410 1.84 51.74 -0.74
C ALA B 410 0.91 52.38 -1.77
N VAL B 411 0.21 51.57 -2.55
CA VAL B 411 -0.82 52.07 -3.50
C VAL B 411 -2.20 51.69 -2.93
N VAL B 412 -2.90 52.64 -2.32
CA VAL B 412 -4.20 52.37 -1.64
C VAL B 412 -5.28 52.65 -2.68
N THR B 413 -6.16 51.68 -2.85
CA THR B 413 -7.16 51.65 -3.93
C THR B 413 -8.39 50.97 -3.36
N ASP B 414 -9.31 50.56 -4.20
CA ASP B 414 -10.61 49.97 -3.77
C ASP B 414 -10.49 48.45 -3.82
N ASP B 415 -11.32 47.82 -3.00
CA ASP B 415 -11.48 46.36 -2.87
C ASP B 415 -12.87 46.11 -2.28
N ASN B 416 -13.87 45.93 -3.13
CA ASN B 416 -15.26 45.60 -2.70
C ASN B 416 -15.77 46.69 -1.76
N PRO B 417 -15.88 47.95 -2.23
CA PRO B 417 -16.43 49.03 -1.39
C PRO B 417 -17.91 48.90 -1.00
N ARG B 418 -18.68 48.03 -1.68
CA ARG B 418 -20.12 47.78 -1.36
C ARG B 418 -20.88 49.12 -1.38
N THR B 419 -21.59 49.49 -0.32
CA THR B 419 -22.43 50.73 -0.33
C THR B 419 -21.68 51.91 0.31
N GLU B 420 -20.51 51.67 0.91
CA GLU B 420 -19.65 52.69 1.58
C GLU B 420 -18.90 53.54 0.54
N GLU B 421 -18.69 54.81 0.89
CA GLU B 421 -17.99 55.84 0.09
C GLU B 421 -16.57 55.32 -0.11
N PRO B 422 -16.14 54.97 -1.35
CA PRO B 422 -14.79 54.39 -1.55
C PRO B 422 -13.70 55.24 -0.90
N ARG B 423 -13.78 56.57 -1.01
CA ARG B 423 -12.75 57.50 -0.46
C ARG B 423 -12.74 57.43 1.08
N ALA B 424 -13.88 57.17 1.73
CA ALA B 424 -13.94 57.09 3.21
C ALA B 424 -13.14 55.86 3.68
N ILE B 425 -13.27 54.74 2.98
CA ILE B 425 -12.53 53.47 3.29
C ILE B 425 -11.04 53.79 3.20
N ILE B 426 -10.64 54.37 2.08
CA ILE B 426 -9.24 54.77 1.82
C ILE B 426 -8.74 55.66 2.96
N ASN B 427 -9.51 56.66 3.41
CA ASN B 427 -9.02 57.59 4.48
C ASN B 427 -8.83 56.85 5.83
N ASP B 428 -9.70 55.88 6.14
CA ASP B 428 -9.52 55.02 7.32
C ASP B 428 -8.20 54.23 7.19
N ILE B 429 -7.83 53.85 5.96
CA ILE B 429 -6.58 53.09 5.72
C ILE B 429 -5.43 54.04 6.03
N LEU B 430 -5.43 55.22 5.40
CA LEU B 430 -4.37 56.26 5.52
C LEU B 430 -4.17 56.70 6.98
N ALA B 431 -5.22 56.57 7.83
CA ALA B 431 -5.20 57.02 9.26
C ALA B 431 -4.13 56.24 10.02
N GLY B 432 -3.80 55.02 9.57
CA GLY B 432 -2.82 54.15 10.26
C GLY B 432 -1.38 54.54 9.97
N MET B 433 -1.16 55.37 8.94
CA MET B 433 0.19 55.59 8.36
C MET B 433 0.85 56.81 9.02
N LEU B 434 2.16 56.70 9.28
CA LEU B 434 3.03 57.79 9.77
C LEU B 434 3.26 58.81 8.66
N ASP B 435 3.14 58.39 7.40
CA ASP B 435 3.39 59.30 6.25
C ASP B 435 2.43 58.94 5.09
N ALA B 436 1.14 59.16 5.33
CA ALA B 436 0.06 58.98 4.35
C ALA B 436 0.44 59.74 3.09
N GLY B 437 1.11 60.90 3.25
CA GLY B 437 1.55 61.78 2.16
C GLY B 437 2.41 61.08 1.11
N HIS B 438 3.17 60.04 1.47
CA HIS B 438 4.07 59.27 0.54
C HIS B 438 3.39 57.98 0.04
N ALA B 439 2.24 57.60 0.59
CA ALA B 439 1.31 56.65 -0.05
C ALA B 439 0.77 57.27 -1.34
N LYS B 440 0.61 56.47 -2.38
CA LYS B 440 -0.12 56.82 -3.61
C LYS B 440 -1.54 56.36 -3.37
N VAL B 441 -2.51 57.17 -3.80
CA VAL B 441 -3.95 56.85 -3.71
C VAL B 441 -4.50 56.82 -5.14
N MET B 442 -5.22 55.78 -5.51
CA MET B 442 -5.80 55.69 -6.87
C MET B 442 -7.11 54.91 -6.78
N GLU B 443 -8.23 55.59 -7.03
CA GLU B 443 -9.57 54.97 -7.13
C GLU B 443 -9.72 54.41 -8.54
N GLY B 444 -10.45 53.31 -8.62
CA GLY B 444 -10.39 52.36 -9.74
C GLY B 444 -9.26 51.39 -9.44
N ARG B 445 -9.59 50.13 -9.12
CA ARG B 445 -8.58 49.11 -8.73
C ARG B 445 -7.66 48.84 -9.92
N ALA B 446 -8.22 48.61 -11.09
CA ALA B 446 -7.48 48.37 -12.36
C ALA B 446 -6.44 49.47 -12.58
N GLU B 447 -6.86 50.72 -12.43
CA GLU B 447 -6.01 51.90 -12.66
C GLU B 447 -4.86 51.86 -11.66
N ALA B 448 -5.14 51.54 -10.38
CA ALA B 448 -4.13 51.52 -9.30
C ALA B 448 -3.13 50.39 -9.59
N VAL B 449 -3.62 49.22 -9.99
CA VAL B 449 -2.69 48.12 -10.41
C VAL B 449 -1.84 48.61 -11.57
N THR B 450 -2.46 49.23 -12.57
CA THR B 450 -1.75 49.75 -13.77
C THR B 450 -0.69 50.75 -13.28
N CYS B 451 -1.08 51.63 -12.36
CA CYS B 451 -0.15 52.63 -11.78
C CYS B 451 1.11 51.96 -11.23
N ALA B 452 0.97 50.95 -10.37
CA ALA B 452 2.13 50.28 -9.76
C ALA B 452 2.93 49.58 -10.86
N VAL B 453 2.28 48.79 -11.69
CA VAL B 453 2.98 47.84 -12.61
C VAL B 453 3.78 48.67 -13.63
N MET B 454 3.28 49.83 -14.07
CA MET B 454 3.85 50.62 -15.19
C MET B 454 4.88 51.63 -14.69
N GLN B 455 4.85 51.99 -13.41
CA GLN B 455 5.89 52.87 -12.81
C GLN B 455 7.03 52.02 -12.22
N ALA B 456 6.73 50.85 -11.67
CA ALA B 456 7.75 50.02 -10.99
C ALA B 456 8.90 49.72 -11.96
N LYS B 457 10.14 49.62 -11.45
CA LYS B 457 11.35 49.22 -12.22
C LYS B 457 11.39 47.71 -12.48
N GLU B 458 12.35 47.29 -13.29
CA GLU B 458 12.49 45.89 -13.81
C GLU B 458 12.71 44.91 -12.65
N ASN B 459 13.51 45.27 -11.67
CA ASN B 459 13.87 44.37 -10.54
C ASN B 459 13.10 44.81 -9.28
N ASP B 460 11.95 45.46 -9.47
CA ASP B 460 10.98 45.72 -8.38
C ASP B 460 10.00 44.54 -8.32
N VAL B 461 9.24 44.49 -7.24
CA VAL B 461 8.14 43.52 -7.06
C VAL B 461 6.91 44.34 -6.66
N VAL B 462 5.80 44.08 -7.32
CA VAL B 462 4.46 44.64 -6.98
C VAL B 462 3.63 43.51 -6.40
N LEU B 463 3.31 43.59 -5.11
CA LEU B 463 2.30 42.69 -4.53
C LEU B 463 0.93 43.30 -4.78
N VAL B 464 0.02 42.58 -5.40
CA VAL B 464 -1.41 42.98 -5.53
C VAL B 464 -2.23 42.11 -4.58
N ALA B 465 -2.61 42.68 -3.45
CA ALA B 465 -3.17 41.97 -2.27
C ALA B 465 -4.69 42.17 -2.16
N GLY B 466 -5.40 41.13 -1.75
CA GLY B 466 -6.75 41.25 -1.18
C GLY B 466 -7.78 40.43 -1.91
N LYS B 467 -7.51 39.98 -3.14
CA LYS B 467 -8.52 39.25 -3.94
C LYS B 467 -8.04 37.84 -4.27
N GLY B 468 -6.75 37.64 -4.54
CA GLY B 468 -6.28 36.31 -4.98
C GLY B 468 -6.99 35.91 -6.26
N HIS B 469 -7.85 34.88 -6.22
CA HIS B 469 -8.60 34.33 -7.38
C HIS B 469 -10.08 34.76 -7.34
N GLU B 470 -10.50 35.61 -6.40
CA GLU B 470 -11.93 36.01 -6.24
C GLU B 470 -12.26 37.14 -7.22
N ASP B 471 -12.69 36.80 -8.45
CA ASP B 471 -12.63 37.68 -9.66
C ASP B 471 -13.94 38.50 -9.84
N TYR B 472 -14.19 39.41 -8.91
CA TYR B 472 -15.30 40.40 -8.97
C TYR B 472 -14.91 41.58 -8.08
N GLN B 473 -15.61 42.68 -8.27
CA GLN B 473 -15.53 43.93 -7.45
C GLN B 473 -16.97 44.31 -7.09
N ILE B 474 -17.33 44.19 -5.82
CA ILE B 474 -18.70 44.50 -5.32
C ILE B 474 -18.78 46.02 -5.16
N VAL B 475 -19.31 46.74 -6.15
CA VAL B 475 -19.72 48.18 -6.03
C VAL B 475 -21.24 48.24 -5.90
N GLY B 476 -21.75 49.02 -4.95
CA GLY B 476 -23.15 48.96 -4.50
C GLY B 476 -23.48 47.56 -4.01
N ASN B 477 -24.54 46.97 -4.56
CA ASN B 477 -25.01 45.59 -4.25
C ASN B 477 -24.51 44.61 -5.32
N GLN B 478 -23.98 45.13 -6.43
CA GLN B 478 -23.71 44.38 -7.69
C GLN B 478 -22.25 43.89 -7.76
N ARG B 479 -22.05 42.74 -8.41
CA ARG B 479 -20.75 42.07 -8.64
C ARG B 479 -20.26 42.35 -10.06
N LEU B 480 -19.50 43.41 -10.25
CA LEU B 480 -18.86 43.74 -11.54
C LEU B 480 -17.74 42.73 -11.81
N ASP B 481 -17.66 42.25 -13.04
CA ASP B 481 -16.60 41.33 -13.51
C ASP B 481 -15.29 42.11 -13.44
N TYR B 482 -14.33 41.57 -12.69
CA TYR B 482 -12.99 42.14 -12.49
C TYR B 482 -12.06 41.03 -11.96
N SER B 483 -10.83 41.01 -12.44
CA SER B 483 -9.77 40.08 -11.98
C SER B 483 -8.43 40.81 -11.88
N ASP B 484 -7.75 40.69 -10.73
CA ASP B 484 -6.35 41.12 -10.52
C ASP B 484 -5.44 40.32 -11.47
N ARG B 485 -5.70 39.02 -11.65
CA ARG B 485 -4.78 38.10 -12.37
C ARG B 485 -4.75 38.48 -13.86
N VAL B 486 -5.94 38.71 -14.42
CA VAL B 486 -6.17 39.10 -15.83
C VAL B 486 -5.61 40.51 -16.01
N THR B 487 -5.85 41.41 -15.04
CA THR B 487 -5.40 42.82 -15.17
C THR B 487 -3.89 42.80 -15.27
N VAL B 488 -3.25 42.05 -14.37
CA VAL B 488 -1.77 41.94 -14.32
C VAL B 488 -1.29 41.28 -15.64
N ALA B 489 -1.94 40.20 -16.05
CA ALA B 489 -1.53 39.37 -17.21
C ALA B 489 -1.47 40.26 -18.46
N ARG B 490 -2.56 40.95 -18.76
CA ARG B 490 -2.63 41.95 -19.87
C ARG B 490 -1.54 43.00 -19.75
N LEU B 491 -1.25 43.52 -18.55
CA LEU B 491 -0.25 44.61 -18.44
C LEU B 491 1.13 44.04 -18.76
N LEU B 492 1.36 42.78 -18.39
CA LEU B 492 2.68 42.13 -18.56
C LEU B 492 2.76 41.47 -19.95
N GLY B 493 1.67 41.41 -20.71
CA GLY B 493 1.62 40.70 -22.00
C GLY B 493 1.83 39.20 -21.82
N VAL B 494 1.09 38.60 -20.89
CA VAL B 494 1.12 37.14 -20.59
C VAL B 494 -0.33 36.67 -20.43
N ILE B 495 -0.54 35.38 -20.20
CA ILE B 495 -1.88 34.74 -20.10
C ILE B 495 -2.09 34.33 -18.63
N ALA B 496 -3.21 34.75 -18.05
CA ALA B 496 -3.70 34.33 -16.72
C ALA B 496 -4.59 33.10 -16.91
#